data_5EOS
# 
_entry.id   5EOS 
# 
_audit_conform.dict_name       mmcif_pdbx.dic 
_audit_conform.dict_version    5.387 
_audit_conform.dict_location   http://mmcif.pdb.org/dictionaries/ascii/mmcif_pdbx.dic 
# 
loop_
_database_2.database_id 
_database_2.database_code 
_database_2.pdbx_database_accession 
_database_2.pdbx_DOI 
PDB   5EOS         pdb_00005eos 10.2210/pdb5eos/pdb 
WWPDB D_1000215245 ?            ?                   
# 
loop_
_pdbx_audit_revision_history.ordinal 
_pdbx_audit_revision_history.data_content_type 
_pdbx_audit_revision_history.major_revision 
_pdbx_audit_revision_history.minor_revision 
_pdbx_audit_revision_history.revision_date 
1 'Structure model' 1 0 2017-08-09 
2 'Structure model' 1 1 2017-10-25 
3 'Structure model' 1 2 2020-06-24 
4 'Structure model' 1 3 2024-03-06 
# 
_pdbx_audit_revision_details.ordinal             1 
_pdbx_audit_revision_details.revision_ordinal    1 
_pdbx_audit_revision_details.data_content_type   'Structure model' 
_pdbx_audit_revision_details.provider            repository 
_pdbx_audit_revision_details.type                'Initial release' 
_pdbx_audit_revision_details.description         ? 
_pdbx_audit_revision_details.details             ? 
# 
loop_
_pdbx_audit_revision_group.ordinal 
_pdbx_audit_revision_group.revision_ordinal 
_pdbx_audit_revision_group.data_content_type 
_pdbx_audit_revision_group.group 
1 2 'Structure model' 'Database references'    
2 2 'Structure model' 'Refinement description' 
3 3 'Structure model' 'Derived calculations'   
4 4 'Structure model' 'Data collection'        
5 4 'Structure model' 'Database references'    
# 
loop_
_pdbx_audit_revision_category.ordinal 
_pdbx_audit_revision_category.revision_ordinal 
_pdbx_audit_revision_category.data_content_type 
_pdbx_audit_revision_category.category 
1  2 'Structure model' citation                     
2  2 'Structure model' citation_author              
3  2 'Structure model' software                     
4  3 'Structure model' ndb_struct_na_base_pair      
5  3 'Structure model' ndb_struct_na_base_pair_step 
6  3 'Structure model' struct_conn                  
7  3 'Structure model' struct_conn_type             
8  4 'Structure model' chem_comp_atom               
9  4 'Structure model' chem_comp_bond               
10 4 'Structure model' database_2                   
# 
loop_
_pdbx_audit_revision_item.ordinal 
_pdbx_audit_revision_item.revision_ordinal 
_pdbx_audit_revision_item.data_content_type 
_pdbx_audit_revision_item.item 
1  2 'Structure model' '_citation.country'                   
2  2 'Structure model' '_citation.journal_abbrev'            
3  2 'Structure model' '_citation.journal_id_CSD'            
4  2 'Structure model' '_citation.journal_id_ISSN'           
5  2 'Structure model' '_citation.pdbx_database_id_DOI'      
6  2 'Structure model' '_citation.pdbx_database_id_PubMed'   
7  2 'Structure model' '_citation.title'                     
8  2 'Structure model' '_citation.year'                      
9  2 'Structure model' '_software.classification'            
10 4 'Structure model' '_database_2.pdbx_DOI'                
11 4 'Structure model' '_database_2.pdbx_database_accession' 
# 
_pdbx_database_status.status_code                     REL 
_pdbx_database_status.status_code_sf                  REL 
_pdbx_database_status.status_code_mr                  ? 
_pdbx_database_status.entry_id                        5EOS 
_pdbx_database_status.recvd_initial_deposition_date   2015-11-10 
_pdbx_database_status.SG_entry                        N 
_pdbx_database_status.deposit_site                    RCSB 
_pdbx_database_status.process_site                    RCSB 
_pdbx_database_status.status_code_cs                  ? 
_pdbx_database_status.methods_development_category    ? 
_pdbx_database_status.pdb_format_compatible           Y 
_pdbx_database_status.status_code_nmr_data            ? 
# 
_pdbx_database_related.db_name        PDB 
_pdbx_database_related.details        . 
_pdbx_database_related.db_id          3GBI 
_pdbx_database_related.content_type   unspecified 
# 
loop_
_audit_author.name 
_audit_author.pdbx_ordinal 
'Hernandez, C.'  1 
'Birktoft, J.J.' 2 
'Seeman, N.C.'   3 
# 
_citation.abstract                  ? 
_citation.abstract_id_CAS           ? 
_citation.book_id_ISBN              ? 
_citation.book_publisher            ? 
_citation.book_publisher_city       ? 
_citation.book_title                ? 
_citation.coordinate_linkage        ? 
_citation.country                   US 
_citation.database_id_Medline       ? 
_citation.details                   ? 
_citation.id                        primary 
_citation.journal_abbrev            'Cell Chem Biol' 
_citation.journal_id_ASTM           ? 
_citation.journal_id_CSD            ? 
_citation.journal_id_ISSN           2451-9456 
_citation.journal_full              ? 
_citation.journal_issue             ? 
_citation.journal_volume            ? 
_citation.language                  ? 
_citation.page_first                ? 
_citation.page_last                 ? 
_citation.title                     'Self-Assembly of 3D DNA Crystals Containing a Torsionally Stressed Component.' 
_citation.year                      2017 
_citation.database_id_CSD           ? 
_citation.pdbx_database_id_DOI      10.1016/j.chembiol.2017.08.018 
_citation.pdbx_database_id_PubMed   28988948 
_citation.unpublished_flag          ? 
# 
loop_
_citation_author.citation_id 
_citation_author.name 
_citation_author.ordinal 
_citation_author.identifier_ORCID 
primary 'Hernandez, C.'        1 ? 
primary 'Birktoft, J.J.'       2 ? 
primary 'Ohayon, Y.P.'         3 ? 
primary 'Chandrasekaran, A.R.' 4 ? 
primary 'Abdallah, H.'         5 ? 
primary 'Sha, R.'              6 ? 
primary 'Stojanoff, V.'        7 ? 
primary 'Mao, C.'              8 ? 
primary 'Seeman, N.C.'         9 ? 
# 
loop_
_entity.id 
_entity.type 
_entity.src_method 
_entity.pdbx_description 
_entity.formula_weight 
_entity.pdbx_number_of_molecules 
_entity.pdbx_ec 
_entity.pdbx_mutation 
_entity.pdbx_fragment 
_entity.details 
1 polymer syn 
;DNA (5'-D(P*GP*AP*GP*CP*AP*GP*CP*TP*GP*TP*G)-3')
;
3414.234 1 ? ? 'The first 11 residues the DNA molecule used in the experiment'  ? 
2 polymer syn 
;DNA (5'-D(P*CP*AP*CP*AP*CP*CP*GP*T)-3')
;
2371.582 1 ? ? ?                                                                ? 
3 polymer syn 
;DNA (5'-D(*TP*CP*TP*GP*AP*TP*GP*TP*GP*CP*TP*GP*C)-3')
;
3973.582 1 ? ? ?                                                                ? 
4 polymer syn 
;DNA (5'-D(P*AP*CP*GP*GP*AP*CP*AP*TP*CP*A)-3')
;
3038.020 1 ? ? 'The second 10 residues the DNA molecule used in the experiment' ? 
# 
loop_
_entity_poly.entity_id 
_entity_poly.type 
_entity_poly.nstd_linkage 
_entity_poly.nstd_monomer 
_entity_poly.pdbx_seq_one_letter_code 
_entity_poly.pdbx_seq_one_letter_code_can 
_entity_poly.pdbx_strand_id 
_entity_poly.pdbx_target_identifier 
1 polydeoxyribonucleotide no no '(DG)(DA)(DG)(DC)(DA)(DG)(DC)(DT)(DG)(DT)(DG)'         GAGCAGCTGTG   A ? 
2 polydeoxyribonucleotide no no '(DC)(DA)(DC)(DA)(DC)(DC)(DG)(DT)'                     CACACCGT      D ? 
3 polydeoxyribonucleotide no no '(DT)(DC)(DT)(DG)(DA)(DT)(DG)(DT)(DG)(DC)(DT)(DG)(DC)' TCTGATGTGCTGC B ? 
4 polydeoxyribonucleotide no no '(DA)(DC)(DG)(DG)(DA)(DC)(DA)(DT)(DC)(DA)'             ACGGACATCA    C ? 
# 
loop_
_entity_poly_seq.entity_id 
_entity_poly_seq.num 
_entity_poly_seq.mon_id 
_entity_poly_seq.hetero 
1 1  DG n 
1 2  DA n 
1 3  DG n 
1 4  DC n 
1 5  DA n 
1 6  DG n 
1 7  DC n 
1 8  DT n 
1 9  DG n 
1 10 DT n 
1 11 DG n 
2 1  DC n 
2 2  DA n 
2 3  DC n 
2 4  DA n 
2 5  DC n 
2 6  DC n 
2 7  DG n 
2 8  DT n 
3 1  DT n 
3 2  DC n 
3 3  DT n 
3 4  DG n 
3 5  DA n 
3 6  DT n 
3 7  DG n 
3 8  DT n 
3 9  DG n 
3 10 DC n 
3 11 DT n 
3 12 DG n 
3 13 DC n 
4 1  DA n 
4 2  DC n 
4 3  DG n 
4 4  DG n 
4 5  DA n 
4 6  DC n 
4 7  DA n 
4 8  DT n 
4 9  DC n 
4 10 DA n 
# 
loop_
_pdbx_entity_src_syn.entity_id 
_pdbx_entity_src_syn.pdbx_src_id 
_pdbx_entity_src_syn.pdbx_alt_source_flag 
_pdbx_entity_src_syn.pdbx_beg_seq_num 
_pdbx_entity_src_syn.pdbx_end_seq_num 
_pdbx_entity_src_syn.organism_scientific 
_pdbx_entity_src_syn.organism_common_name 
_pdbx_entity_src_syn.ncbi_taxonomy_id 
_pdbx_entity_src_syn.details 
1 1 sample 1 11 'synthetic construct' ? 32630 ? 
2 1 sample 1 8  'synthetic construct' ? 32630 ? 
3 1 sample 1 13 'synthetic construct' ? 32630 ? 
4 1 sample 1 10 'synthetic construct' ? 32630 ? 
# 
loop_
_chem_comp.id 
_chem_comp.type 
_chem_comp.mon_nstd_flag 
_chem_comp.name 
_chem_comp.pdbx_synonyms 
_chem_comp.formula 
_chem_comp.formula_weight 
DA 'DNA linking' y "2'-DEOXYADENOSINE-5'-MONOPHOSPHATE" ? 'C10 H14 N5 O6 P' 331.222 
DC 'DNA linking' y "2'-DEOXYCYTIDINE-5'-MONOPHOSPHATE"  ? 'C9 H14 N3 O7 P'  307.197 
DG 'DNA linking' y "2'-DEOXYGUANOSINE-5'-MONOPHOSPHATE" ? 'C10 H14 N5 O7 P' 347.221 
DT 'DNA linking' y "THYMIDINE-5'-MONOPHOSPHATE"         ? 'C10 H15 N2 O8 P' 322.208 
# 
loop_
_pdbx_poly_seq_scheme.asym_id 
_pdbx_poly_seq_scheme.entity_id 
_pdbx_poly_seq_scheme.seq_id 
_pdbx_poly_seq_scheme.mon_id 
_pdbx_poly_seq_scheme.ndb_seq_num 
_pdbx_poly_seq_scheme.pdb_seq_num 
_pdbx_poly_seq_scheme.auth_seq_num 
_pdbx_poly_seq_scheme.pdb_mon_id 
_pdbx_poly_seq_scheme.auth_mon_id 
_pdbx_poly_seq_scheme.pdb_strand_id 
_pdbx_poly_seq_scheme.pdb_ins_code 
_pdbx_poly_seq_scheme.hetero 
A 1 1  DG 1  2  2  DG DG A . n 
A 1 2  DA 2  3  3  DA DA A . n 
A 1 3  DG 3  4  4  DG DG A . n 
A 1 4  DC 4  5  5  DC DC A . n 
A 1 5  DA 5  6  6  DA DA A . n 
A 1 6  DG 6  7  7  DG DG A . n 
A 1 7  DC 7  8  8  DC DC A . n 
A 1 8  DT 8  9  9  DT DT A . n 
A 1 9  DG 9  10 10 DG DG A . n 
A 1 10 DT 10 11 11 DT DT A . n 
A 1 11 DG 11 12 12 DG DG A . n 
B 2 1  DC 1  6  6  DC DC D . n 
B 2 2  DA 2  7  7  DA DA D . n 
B 2 3  DC 3  8  8  DC DC D . n 
B 2 4  DA 4  9  9  DA DA D . n 
B 2 5  DC 5  10 10 DC DC D . n 
B 2 6  DC 6  11 11 DC DC D . n 
B 2 7  DG 7  12 12 DG DG D . n 
B 2 8  DT 8  13 13 DT DT D . n 
C 3 1  DT 1  1  1  DT DT B . n 
C 3 2  DC 2  2  2  DC DC B . n 
C 3 3  DT 3  3  3  DT DT B . n 
C 3 4  DG 4  4  4  DG DG B . n 
C 3 5  DA 5  5  5  DA DA B . n 
C 3 6  DT 6  6  6  DT DT B . n 
C 3 7  DG 7  7  7  DG DG B . n 
C 3 8  DT 8  8  8  DT DT B . n 
C 3 9  DG 9  9  9  DG DG B . n 
C 3 10 DC 10 10 10 DC DC B . n 
C 3 11 DT 11 11 11 DT DT B . n 
C 3 12 DG 12 12 12 DG DG B . n 
C 3 13 DC 13 13 13 DC DC B . n 
D 4 1  DA 1  22 22 DA DA C . n 
D 4 2  DC 2  23 23 DC DC C . n 
D 4 3  DG 3  24 24 DG DG C . n 
D 4 4  DG 4  25 25 DG DG C . n 
D 4 5  DA 5  26 26 DA DA C . n 
D 4 6  DC 6  27 27 DC DC C . n 
D 4 7  DA 7  28 28 DA DA C . n 
D 4 8  DT 8  29 29 DT DT C . n 
D 4 9  DC 9  30 30 DC DC C . n 
D 4 10 DA 10 31 31 DA DA C . n 
# 
loop_
_software.citation_id 
_software.classification 
_software.compiler_name 
_software.compiler_version 
_software.contact_author 
_software.contact_author_email 
_software.date 
_software.description 
_software.dependencies 
_software.hardware 
_software.language 
_software.location 
_software.mods 
_software.name 
_software.os 
_software.os_version 
_software.type 
_software.version 
_software.pdbx_ordinal 
? refinement        ? ? ? ? ? ? ? ? ? ? ? REFMAC      ? ? ? .    1 
? 'data scaling'    ? ? ? ? ? ? ? ? ? ? ? SCALEPACK   ? ? ? .    2 
? 'data extraction' ? ? ? ? ? ? ? ? ? ? ? PDB_EXTRACT ? ? ? 3.15 3 
? 'data reduction'  ? ? ? ? ? ? ? ? ? ? ? HKL-2000    ? ? ? .    4 
? 'model building'  ? ? ? ? ? ? ? ? ? ? ? SHELXE      ? ? ? .    5 
# 
_cell.angle_alpha                  90.000 
_cell.angle_alpha_esd              ? 
_cell.angle_beta                   90.000 
_cell.angle_beta_esd               ? 
_cell.angle_gamma                  120.000 
_cell.angle_gamma_esd              ? 
_cell.entry_id                     5EOS 
_cell.details                      ? 
_cell.formula_units_Z              ? 
_cell.length_a                     110.011 
_cell.length_a_esd                 ? 
_cell.length_b                     110.011 
_cell.length_b_esd                 ? 
_cell.length_c                     83.734 
_cell.length_c_esd                 ? 
_cell.volume                       ? 
_cell.volume_esd                   ? 
_cell.Z_PDB                        9 
_cell.reciprocal_angle_alpha       ? 
_cell.reciprocal_angle_beta        ? 
_cell.reciprocal_angle_gamma       ? 
_cell.reciprocal_angle_alpha_esd   ? 
_cell.reciprocal_angle_beta_esd    ? 
_cell.reciprocal_angle_gamma_esd   ? 
_cell.reciprocal_length_a          ? 
_cell.reciprocal_length_b          ? 
_cell.reciprocal_length_c          ? 
_cell.reciprocal_length_a_esd      ? 
_cell.reciprocal_length_b_esd      ? 
_cell.reciprocal_length_c_esd      ? 
_cell.pdbx_unique_axis             ? 
# 
_symmetry.entry_id                         5EOS 
_symmetry.cell_setting                     ? 
_symmetry.Int_Tables_number                146 
_symmetry.space_group_name_Hall            ? 
_symmetry.space_group_name_H-M             'H 3' 
_symmetry.pdbx_full_space_group_name_H-M   ? 
# 
_exptl.absorpt_coefficient_mu     ? 
_exptl.absorpt_correction_T_max   ? 
_exptl.absorpt_correction_T_min   ? 
_exptl.absorpt_correction_type    ? 
_exptl.absorpt_process_details    ? 
_exptl.entry_id                   5EOS 
_exptl.crystals_number            1 
_exptl.details                    ? 
_exptl.method                     'X-RAY DIFFRACTION' 
_exptl.method_details             ? 
# 
_exptl_crystal.colour                      ? 
_exptl_crystal.density_diffrn              ? 
_exptl_crystal.density_Matthews            2.34 
_exptl_crystal.density_method              ? 
_exptl_crystal.density_percent_sol         64.60 
_exptl_crystal.description                 rhombohedral 
_exptl_crystal.F_000                       ? 
_exptl_crystal.id                          1 
_exptl_crystal.preparation                 ? 
_exptl_crystal.size_max                    ? 
_exptl_crystal.size_mid                    ? 
_exptl_crystal.size_min                    ? 
_exptl_crystal.size_rad                    ? 
_exptl_crystal.colour_lustre               ? 
_exptl_crystal.colour_modifier             ? 
_exptl_crystal.colour_primary              ? 
_exptl_crystal.density_meas                ? 
_exptl_crystal.density_meas_esd            ? 
_exptl_crystal.density_meas_gt             ? 
_exptl_crystal.density_meas_lt             ? 
_exptl_crystal.density_meas_temp           ? 
_exptl_crystal.density_meas_temp_esd       ? 
_exptl_crystal.density_meas_temp_gt        ? 
_exptl_crystal.density_meas_temp_lt        ? 
_exptl_crystal.pdbx_crystal_image_url      ? 
_exptl_crystal.pdbx_crystal_image_format   ? 
_exptl_crystal.pdbx_mosaicity              ? 
_exptl_crystal.pdbx_mosaicity_esd          ? 
# 
_exptl_crystal_grow.apparatus       ? 
_exptl_crystal_grow.atmosphere      ? 
_exptl_crystal_grow.crystal_id      1 
_exptl_crystal_grow.details         ? 
_exptl_crystal_grow.method          'VAPOR DIFFUSION, HANGING DROP' 
_exptl_crystal_grow.method_ref      ? 
_exptl_crystal_grow.pH              7.0 
_exptl_crystal_grow.pressure        ? 
_exptl_crystal_grow.pressure_esd    ? 
_exptl_crystal_grow.seeding         ? 
_exptl_crystal_grow.seeding_ref     ? 
_exptl_crystal_grow.temp            277 
_exptl_crystal_grow.temp_details    ? 
_exptl_crystal_grow.temp_esd        ? 
_exptl_crystal_grow.time            ? 
_exptl_crystal_grow.pdbx_details    
;Grown by vapor diffusion while treated with a controlled temperature gradient from 333 degs to 277 degs.

Ammonium Sulfate, magnesium chloride, Na Cacodylate, magnesium acetate, TRIS
;
_exptl_crystal_grow.pdbx_pH_range   7.0 
# 
_diffrn.ambient_environment    ? 
_diffrn.ambient_temp           100 
_diffrn.ambient_temp_details   ? 
_diffrn.ambient_temp_esd       ? 
_diffrn.crystal_id             1 
_diffrn.crystal_support        ? 
_diffrn.crystal_treatment      ? 
_diffrn.details                ? 
_diffrn.id                     1 
_diffrn.ambient_pressure       ? 
_diffrn.ambient_pressure_esd   ? 
_diffrn.ambient_pressure_gt    ? 
_diffrn.ambient_pressure_lt    ? 
_diffrn.ambient_temp_gt        ? 
_diffrn.ambient_temp_lt        ? 
# 
_diffrn_detector.details                      ? 
_diffrn_detector.detector                     PIXEL 
_diffrn_detector.diffrn_id                    1 
_diffrn_detector.type                         'PSI PILATUS 6M' 
_diffrn_detector.area_resol_mean              ? 
_diffrn_detector.dtime                        ? 
_diffrn_detector.pdbx_frames_total            ? 
_diffrn_detector.pdbx_collection_time_total   ? 
_diffrn_detector.pdbx_collection_date         2012-08-08 
# 
_diffrn_radiation.collimation                      ? 
_diffrn_radiation.diffrn_id                        1 
_diffrn_radiation.filter_edge                      ? 
_diffrn_radiation.inhomogeneity                    ? 
_diffrn_radiation.monochromator                    ? 
_diffrn_radiation.polarisn_norm                    ? 
_diffrn_radiation.polarisn_ratio                   ? 
_diffrn_radiation.probe                            ? 
_diffrn_radiation.type                             ? 
_diffrn_radiation.xray_symbol                      ? 
_diffrn_radiation.wavelength_id                    1 
_diffrn_radiation.pdbx_monochromatic_or_laue_m_l   M 
_diffrn_radiation.pdbx_wavelength_list             ? 
_diffrn_radiation.pdbx_wavelength                  ? 
_diffrn_radiation.pdbx_diffrn_protocol             'SINGLE WAVELENGTH' 
_diffrn_radiation.pdbx_analyzer                    ? 
_diffrn_radiation.pdbx_scattering_type             x-ray 
# 
loop_
_diffrn_radiation_wavelength.id 
_diffrn_radiation_wavelength.wavelength 
_diffrn_radiation_wavelength.wt 
1 1.1 1.0 
2 1.7 1.0 
# 
_diffrn_source.current                     ? 
_diffrn_source.details                     ? 
_diffrn_source.diffrn_id                   1 
_diffrn_source.power                       ? 
_diffrn_source.size                        ? 
_diffrn_source.source                      SYNCHROTRON 
_diffrn_source.target                      ? 
_diffrn_source.type                        'NSLS BEAMLINE X25' 
_diffrn_source.voltage                     ? 
_diffrn_source.take-off_angle              ? 
_diffrn_source.pdbx_wavelength_list        '1.1, 1.7' 
_diffrn_source.pdbx_wavelength             ? 
_diffrn_source.pdbx_synchrotron_beamline   X25 
_diffrn_source.pdbx_synchrotron_site       NSLS 
# 
_reflns.B_iso_Wilson_estimate            ? 
_reflns.entry_id                         5EOS 
_reflns.data_reduction_details           ? 
_reflns.data_reduction_method            ? 
_reflns.d_resolution_high                4.7 
_reflns.d_resolution_low                 27.5 
_reflns.details                          ? 
_reflns.limit_h_max                      ? 
_reflns.limit_h_min                      ? 
_reflns.limit_k_max                      ? 
_reflns.limit_k_min                      ? 
_reflns.limit_l_max                      ? 
_reflns.limit_l_min                      ? 
_reflns.number_all                       ? 
_reflns.number_obs                       4338 
_reflns.observed_criterion               ? 
_reflns.observed_criterion_F_max         ? 
_reflns.observed_criterion_F_min         ? 
_reflns.observed_criterion_I_max         ? 
_reflns.observed_criterion_I_min         ? 
_reflns.observed_criterion_sigma_F       ? 
_reflns.observed_criterion_sigma_I       ? 
_reflns.percent_possible_obs             95 
_reflns.R_free_details                   ? 
_reflns.Rmerge_F_all                     ? 
_reflns.Rmerge_F_obs                     ? 
_reflns.Friedel_coverage                 ? 
_reflns.number_gt                        ? 
_reflns.threshold_expression             ? 
_reflns.pdbx_redundancy                  1.8 
_reflns.pdbx_Rmerge_I_obs                ? 
_reflns.pdbx_Rmerge_I_all                ? 
_reflns.pdbx_Rsym_value                  ? 
_reflns.pdbx_netI_over_av_sigmaI         ? 
_reflns.pdbx_netI_over_sigmaI            2.6 
_reflns.pdbx_res_netI_over_av_sigmaI_2   ? 
_reflns.pdbx_res_netI_over_sigmaI_2      ? 
_reflns.pdbx_chi_squared                 ? 
_reflns.pdbx_scaling_rejects             ? 
_reflns.pdbx_d_res_high_opt              ? 
_reflns.pdbx_d_res_low_opt               ? 
_reflns.pdbx_d_res_opt_method            ? 
_reflns.phase_calculation_details        ? 
_reflns.pdbx_Rrim_I_all                  ? 
_reflns.pdbx_Rpim_I_all                  ? 
_reflns.pdbx_d_opt                       ? 
_reflns.pdbx_number_measured_all         ? 
_reflns.pdbx_diffrn_id                   1 
_reflns.pdbx_ordinal                     1 
_reflns.pdbx_CC_half                     ? 
_reflns.pdbx_R_split                     ? 
# 
_reflns_shell.d_res_high                  4.75 
_reflns_shell.d_res_low                   4.85 
_reflns_shell.meanI_over_sigI_all         ? 
_reflns_shell.meanI_over_sigI_obs         2 
_reflns_shell.number_measured_all         ? 
_reflns_shell.number_measured_obs         ? 
_reflns_shell.number_possible             ? 
_reflns_shell.number_unique_all           ? 
_reflns_shell.number_unique_obs           ? 
_reflns_shell.percent_possible_all        90 
_reflns_shell.percent_possible_obs        ? 
_reflns_shell.Rmerge_F_all                ? 
_reflns_shell.Rmerge_F_obs                ? 
_reflns_shell.Rmerge_I_all                ? 
_reflns_shell.Rmerge_I_obs                0.01 
_reflns_shell.meanI_over_sigI_gt          ? 
_reflns_shell.meanI_over_uI_all           ? 
_reflns_shell.meanI_over_uI_gt            ? 
_reflns_shell.number_measured_gt          ? 
_reflns_shell.number_unique_gt            ? 
_reflns_shell.percent_possible_gt         ? 
_reflns_shell.Rmerge_F_gt                 ? 
_reflns_shell.Rmerge_I_gt                 ? 
_reflns_shell.pdbx_redundancy             14.1 
_reflns_shell.pdbx_Rsym_value             ? 
_reflns_shell.pdbx_chi_squared            ? 
_reflns_shell.pdbx_netI_over_sigmaI_all   ? 
_reflns_shell.pdbx_netI_over_sigmaI_obs   ? 
_reflns_shell.pdbx_Rrim_I_all             ? 
_reflns_shell.pdbx_Rpim_I_all             ? 
_reflns_shell.pdbx_rejects                ? 
_reflns_shell.pdbx_ordinal                1 
_reflns_shell.pdbx_diffrn_id              1 
_reflns_shell.pdbx_CC_half                ? 
_reflns_shell.pdbx_R_split                ? 
# 
_refine.aniso_B[1][1]                            ? 
_refine.aniso_B[1][2]                            ? 
_refine.aniso_B[1][3]                            ? 
_refine.aniso_B[2][2]                            ? 
_refine.aniso_B[2][3]                            ? 
_refine.aniso_B[3][3]                            ? 
_refine.B_iso_max                                371.510 
_refine.B_iso_mean                               317.8413 
_refine.B_iso_min                                272.890 
_refine.correlation_coeff_Fo_to_Fc               ? 
_refine.correlation_coeff_Fo_to_Fc_free          ? 
_refine.details                                  ? 
_refine.diff_density_max                         ? 
_refine.diff_density_max_esd                     ? 
_refine.diff_density_min                         ? 
_refine.diff_density_min_esd                     ? 
_refine.diff_density_rms                         ? 
_refine.diff_density_rms_esd                     ? 
_refine.entry_id                                 5EOS 
_refine.pdbx_refine_id                           'X-RAY DIFFRACTION' 
_refine.ls_abs_structure_details                 ? 
_refine.ls_abs_structure_Flack                   ? 
_refine.ls_abs_structure_Flack_esd               ? 
_refine.ls_abs_structure_Rogers                  ? 
_refine.ls_abs_structure_Rogers_esd              ? 
_refine.ls_d_res_high                            4.7 
_refine.ls_d_res_low                             27.5 
_refine.ls_extinction_coef                       ? 
_refine.ls_extinction_coef_esd                   ? 
_refine.ls_extinction_expression                 ? 
_refine.ls_extinction_method                     ? 
_refine.ls_goodness_of_fit_all                   ? 
_refine.ls_goodness_of_fit_all_esd               ? 
_refine.ls_goodness_of_fit_obs                   ? 
_refine.ls_goodness_of_fit_obs_esd               ? 
_refine.ls_hydrogen_treatment                    ? 
_refine.ls_matrix_type                           ? 
_refine.ls_number_constraints                    ? 
_refine.ls_number_parameters                     ? 
_refine.ls_number_reflns_all                     ? 
_refine.ls_number_reflns_obs                     4338 
_refine.ls_number_reflns_R_free                  433 
_refine.ls_number_reflns_R_work                  ? 
_refine.ls_number_restraints                     ? 
_refine.ls_percent_reflns_obs                    95.2600 
_refine.ls_percent_reflns_R_free                 9.9800 
_refine.ls_R_factor_all                          ? 
_refine.ls_R_factor_obs                          0.1924 
_refine.ls_R_factor_R_free                       0.2101 
_refine.ls_R_factor_R_free_error                 ? 
_refine.ls_R_factor_R_free_error_details         ? 
_refine.ls_R_factor_R_work                       0.1900 
_refine.ls_R_Fsqd_factor_obs                     ? 
_refine.ls_R_I_factor_obs                        ? 
_refine.ls_redundancy_reflns_all                 ? 
_refine.ls_redundancy_reflns_obs                 ? 
_refine.ls_restrained_S_all                      ? 
_refine.ls_restrained_S_obs                      ? 
_refine.ls_shift_over_esd_max                    ? 
_refine.ls_shift_over_esd_mean                   ? 
_refine.ls_structure_factor_coef                 ? 
_refine.ls_weighting_details                     ? 
_refine.ls_weighting_scheme                      ? 
_refine.ls_wR_factor_all                         ? 
_refine.ls_wR_factor_obs                         ? 
_refine.ls_wR_factor_R_free                      ? 
_refine.ls_wR_factor_R_work                      ? 
_refine.occupancy_max                            ? 
_refine.occupancy_min                            ? 
_refine.solvent_model_details                    ? 
_refine.solvent_model_param_bsol                 ? 
_refine.solvent_model_param_ksol                 ? 
_refine.ls_R_factor_gt                           ? 
_refine.ls_goodness_of_fit_gt                    ? 
_refine.ls_goodness_of_fit_ref                   ? 
_refine.ls_shift_over_su_max                     ? 
_refine.ls_shift_over_su_max_lt                  ? 
_refine.ls_shift_over_su_mean                    ? 
_refine.ls_shift_over_su_mean_lt                 ? 
_refine.pdbx_ls_sigma_I                          ? 
_refine.pdbx_ls_sigma_F                          2.030 
_refine.pdbx_ls_sigma_Fsqd                       ? 
_refine.pdbx_data_cutoff_high_absF               ? 
_refine.pdbx_data_cutoff_high_rms_absF           ? 
_refine.pdbx_data_cutoff_low_absF                ? 
_refine.pdbx_isotropic_thermal_model             ? 
_refine.pdbx_ls_cross_valid_method               'FREE R-VALUE' 
_refine.pdbx_method_to_determine_struct          SAD 
_refine.pdbx_starting_model                      ? 
_refine.pdbx_stereochemistry_target_values       ? 
_refine.pdbx_R_Free_selection_details            ? 
_refine.pdbx_stereochem_target_val_spec_case     ? 
_refine.pdbx_overall_ESU_R                       ? 
_refine.pdbx_overall_ESU_R_Free                  ? 
_refine.pdbx_solvent_vdw_probe_radii             1.1100 
_refine.pdbx_solvent_ion_probe_radii             ? 
_refine.pdbx_solvent_shrinkage_radii             0.9000 
_refine.pdbx_real_space_R                        ? 
_refine.pdbx_density_correlation                 ? 
_refine.pdbx_pd_number_of_powder_patterns        ? 
_refine.pdbx_pd_number_of_points                 ? 
_refine.pdbx_pd_meas_number_of_points            ? 
_refine.pdbx_pd_proc_ls_prof_R_factor            ? 
_refine.pdbx_pd_proc_ls_prof_wR_factor           ? 
_refine.pdbx_pd_Marquardt_correlation_coeff      ? 
_refine.pdbx_pd_Fsqrd_R_factor                   ? 
_refine.pdbx_pd_ls_matrix_band_width             ? 
_refine.pdbx_overall_phase_error                 46.8900 
_refine.pdbx_overall_SU_R_free_Cruickshank_DPI   ? 
_refine.pdbx_overall_SU_R_free_Blow_DPI          ? 
_refine.pdbx_overall_SU_R_Blow_DPI               ? 
_refine.pdbx_TLS_residual_ADP_flag               ? 
_refine.pdbx_diffrn_id                           1 
_refine.overall_SU_B                             ? 
_refine.overall_SU_ML                            0.8700 
_refine.overall_SU_R_Cruickshank_DPI             ? 
_refine.overall_SU_R_free                        ? 
_refine.overall_FOM_free_R_set                   ? 
_refine.overall_FOM_work_R_set                   ? 
_refine.pdbx_average_fsc_overall                 ? 
_refine.pdbx_average_fsc_work                    ? 
_refine.pdbx_average_fsc_free                    ? 
# 
_refine_hist.cycle_id                         final 
_refine_hist.pdbx_refine_id                   'X-RAY DIFFRACTION' 
_refine_hist.d_res_high                       4.7 
_refine_hist.d_res_low                        27.5 
_refine_hist.pdbx_number_atoms_ligand         0 
_refine_hist.number_atoms_solvent             0 
_refine_hist.number_atoms_total               858 
_refine_hist.pdbx_number_residues_total       42 
_refine_hist.pdbx_number_atoms_protein        0 
_refine_hist.pdbx_number_atoms_nucleic_acid   858 
# 
_struct.entry_id                     5EOS 
_struct.title                        
'Crystallizing Strained DNA: Self-Assembly of 3D Crystals Containing a Torsionally-Stressed Component' 
_struct.pdbx_model_details           ? 
_struct.pdbx_formula_weight          ? 
_struct.pdbx_formula_weight_method   ? 
_struct.pdbx_model_type_details      ? 
_struct.pdbx_CASP_flag               ? 
# 
_struct_keywords.entry_id        5EOS 
_struct_keywords.text            'DNA nanotechnology, torsionally strained DNA, DNA lattices, DNA' 
_struct_keywords.pdbx_keywords   DNA 
# 
loop_
_struct_asym.id 
_struct_asym.pdbx_blank_PDB_chainid_flag 
_struct_asym.pdbx_modified 
_struct_asym.entity_id 
_struct_asym.details 
A N N 1 ? 
B N N 2 ? 
C N N 3 ? 
D N N 4 ? 
# 
loop_
_struct_ref.id 
_struct_ref.db_name 
_struct_ref.db_code 
_struct_ref.pdbx_db_accession 
_struct_ref.pdbx_db_isoform 
_struct_ref.entity_id 
_struct_ref.pdbx_seq_one_letter_code 
_struct_ref.pdbx_align_begin 
1 PDB 5EOS 5EOS ? 1 ? 1 
2 PDB 5EOS 5EOS ? 2 ? 1 
3 PDB 5EOS 5EOS ? 3 ? 1 
4 PDB 5EOS 5EOS ? 4 ? 1 
# 
loop_
_struct_ref_seq.align_id 
_struct_ref_seq.ref_id 
_struct_ref_seq.pdbx_PDB_id_code 
_struct_ref_seq.pdbx_strand_id 
_struct_ref_seq.seq_align_beg 
_struct_ref_seq.pdbx_seq_align_beg_ins_code 
_struct_ref_seq.seq_align_end 
_struct_ref_seq.pdbx_seq_align_end_ins_code 
_struct_ref_seq.pdbx_db_accession 
_struct_ref_seq.db_align_beg 
_struct_ref_seq.pdbx_db_align_beg_ins_code 
_struct_ref_seq.db_align_end 
_struct_ref_seq.pdbx_db_align_end_ins_code 
_struct_ref_seq.pdbx_auth_seq_align_beg 
_struct_ref_seq.pdbx_auth_seq_align_end 
1 1 5EOS A 1 ? 11 ? 5EOS 2  ? 12 ? 2  12 
2 2 5EOS D 1 ? 8  ? 5EOS 6  ? 13 ? 6  13 
3 3 5EOS B 1 ? 13 ? 5EOS 1  ? 13 ? 1  13 
4 4 5EOS C 1 ? 10 ? 5EOS 22 ? 31 ? 22 31 
# 
_pdbx_struct_assembly.id                   1 
_pdbx_struct_assembly.details              author_defined_assembly 
_pdbx_struct_assembly.method_details       ? 
_pdbx_struct_assembly.oligomeric_details   dodecameric 
_pdbx_struct_assembly.oligomeric_count     12 
# 
loop_
_pdbx_struct_assembly_gen.assembly_id 
_pdbx_struct_assembly_gen.oper_expression 
_pdbx_struct_assembly_gen.asym_id_list 
1 1 A,B,C,D 
1 2 A,B,C,D 
1 3 A,B,C,D 
# 
loop_
_pdbx_struct_oper_list.id 
_pdbx_struct_oper_list.type 
_pdbx_struct_oper_list.name 
_pdbx_struct_oper_list.symmetry_operation 
_pdbx_struct_oper_list.matrix[1][1] 
_pdbx_struct_oper_list.matrix[1][2] 
_pdbx_struct_oper_list.matrix[1][3] 
_pdbx_struct_oper_list.vector[1] 
_pdbx_struct_oper_list.matrix[2][1] 
_pdbx_struct_oper_list.matrix[2][2] 
_pdbx_struct_oper_list.matrix[2][3] 
_pdbx_struct_oper_list.vector[2] 
_pdbx_struct_oper_list.matrix[3][1] 
_pdbx_struct_oper_list.matrix[3][2] 
_pdbx_struct_oper_list.matrix[3][3] 
_pdbx_struct_oper_list.vector[3] 
1 'identity operation'         1_555 x,y,z       1.0000000000  0.0000000000  0.0000000000  0.0000000000   0.0000000000  1.0000000000  0.0000000000  0.0000000000   0.0000000000  0.0000000000  1.0000000000 0.0000000000   
2 'crystal symmetry operation' 2_565 -y,x-y+1,z  -0.2543079197 0.9023960674  -0.3478632196 -0.4805706507  -0.6347585256 -0.4271142015 -0.6439371655 -36.2361652447 -0.7296636871 0.0570508234  0.6814221212 -9.2195405379  
3 'crystal symmetry operation' 3_455 -x+y-1,-x,z -0.2543079197 -0.6347585256 -0.7296636871 -29.8505916853 0.9023960674  -0.4271142015 0.0570508234  -14.5173333413 -0.3478632196 -0.6439371655 0.6814221212 -17.2185875193 
# 
_struct_biol.details                      
;The asymmetric unit is comprised of the first 11 nucleotides of the full #1 strand (chain A), by the last 10 residues of the full #1 strand (chain C), by the first 8 nucleotides of the #2 strand (chain D) and by #3 strand (chain B). Chains A (First 11 residues of strand #1) and C (next 10 residues of strand #1) together form the first DNA strand (#1) of the experiment. This DNA strand spans two asymmetric units-hence it was divided into the current chains A and C for convenient representation and crystallographic computing. Chain A (1_555) is covalently linked to chain C of another asymmetric unit (3_555); and chain C (1_555) is covalently linked to chain A of another asymmetric unit (2_555). The #2 strand form a circular DNA molecule as a consequence of internal 3-fold symmetry of the triangle chain D in the asymmetric unit represents one of these repeating units. It has 3 symmetric and sequential repeating units that are covalently linked to each other via the O3' end of residue 13D to the O5' end of residue 6D; chain D (1_555) is covalently linked to chain D of two neighboring asymmetric units (2_555) and (3_555). The selection of residues from the DNA #2 and #3 are dictated by their proximity (base pairing) to chains A and C. Chain B in the asymmetric unit represents the third of these repeating units.
;
_struct_biol.id                           1 
_struct_biol.pdbx_parent_biol_id          ? 
_struct_biol.pdbx_formula_weight          ? 
_struct_biol.pdbx_formula_weight_method   ? 
_struct_biol.pdbx_aggregation_state       ? 
_struct_biol.pdbx_assembly_method         ? 
# 
loop_
_struct_conn.id 
_struct_conn.conn_type_id 
_struct_conn.pdbx_leaving_atom_flag 
_struct_conn.pdbx_PDB_id 
_struct_conn.ptnr1_label_asym_id 
_struct_conn.ptnr1_label_comp_id 
_struct_conn.ptnr1_label_seq_id 
_struct_conn.ptnr1_label_atom_id 
_struct_conn.pdbx_ptnr1_label_alt_id 
_struct_conn.pdbx_ptnr1_PDB_ins_code 
_struct_conn.pdbx_ptnr1_standard_comp_id 
_struct_conn.ptnr1_symmetry 
_struct_conn.ptnr2_label_asym_id 
_struct_conn.ptnr2_label_comp_id 
_struct_conn.ptnr2_label_seq_id 
_struct_conn.ptnr2_label_atom_id 
_struct_conn.pdbx_ptnr2_label_alt_id 
_struct_conn.pdbx_ptnr2_PDB_ins_code 
_struct_conn.ptnr1_auth_asym_id 
_struct_conn.ptnr1_auth_comp_id 
_struct_conn.ptnr1_auth_seq_id 
_struct_conn.ptnr2_auth_asym_id 
_struct_conn.ptnr2_auth_comp_id 
_struct_conn.ptnr2_auth_seq_id 
_struct_conn.ptnr2_symmetry 
_struct_conn.pdbx_ptnr3_label_atom_id 
_struct_conn.pdbx_ptnr3_label_seq_id 
_struct_conn.pdbx_ptnr3_label_comp_id 
_struct_conn.pdbx_ptnr3_label_asym_id 
_struct_conn.pdbx_ptnr3_label_alt_id 
_struct_conn.pdbx_ptnr3_PDB_ins_code 
_struct_conn.details 
_struct_conn.pdbx_dist_value 
_struct_conn.pdbx_value_order 
_struct_conn.pdbx_role 
hydrog1  hydrog ? ? A DC 4 N4 ? ? ? 1_555 C DG 12 O6 ? ? A DC 5  B DG 12 1_555 ? ? ? ? ? ? 'DC-DG PAIR'    ? ? ? 
hydrog2  hydrog ? ? A DA 5 N3 ? ? ? 1_555 C DG 12 N2 ? ? A DA 6  B DG 12 1_555 ? ? ? ? ? ? 'DA-DG MISPAIR' ? ? ? 
hydrog3  hydrog ? ? A DG 6 N1 ? ? ? 1_555 C DG 9  O6 ? ? A DG 7  B DG 9  1_555 ? ? ? ? ? ? 'DG-DG MISPAIR' ? ? ? 
hydrog4  hydrog ? ? A DG 6 N2 ? ? ? 1_555 C DC 10 O2 ? ? A DG 7  B DC 10 1_555 ? ? ? ? ? ? 'DG-DC PAIR'    ? ? ? 
hydrog5  hydrog ? ? A DC 7 O2 ? ? ? 1_555 C DG 9  N2 ? ? A DC 8  B DG 9  1_555 ? ? ? ? ? ? 'DC-DG PAIR'    ? ? ? 
hydrog6  hydrog ? ? A DG 9 N2 ? ? ? 1_555 B DC 3  O2 ? ? A DG 10 D DC 8  1_555 ? ? ? ? ? ? 'DG-DC PAIR'    ? ? ? 
hydrog7  hydrog ? ? C DT 3 N3 ? ? ? 1_555 D DA 10 N1 ? ? B DT 3  C DA 31 1_555 ? ? ? ? ? ? 'DT-DA PAIR'    ? ? ? 
hydrog8  hydrog ? ? C DG 4 O6 ? ? ? 1_555 D DC 9  N4 ? ? B DG 4  C DC 30 1_555 ? ? ? ? ? ? 'DG-DC PAIR'    ? ? ? 
hydrog9  hydrog ? ? C DA 5 N1 ? ? ? 1_555 D DT 8  N3 ? ? B DA 5  C DT 29 1_555 ? ? ? ? ? ? WATSON-CRICK    ? ? ? 
hydrog10 hydrog ? ? C DA 5 N6 ? ? ? 1_555 D DT 8  O4 ? ? B DA 5  C DT 29 1_555 ? ? ? ? ? ? WATSON-CRICK    ? ? ? 
hydrog11 hydrog ? ? C DG 7 N2 ? ? ? 1_555 D DC 6  O2 ? ? B DG 7  C DC 27 1_555 ? ? ? ? ? ? 'DG-DC PAIR'    ? ? ? 
hydrog12 hydrog ? ? B DC 5 N3 ? ? ? 1_555 D DG 4  N1 ? ? D DC 10 C DG 25 1_555 ? ? ? ? ? ? 'DC-DG PAIR'    ? ? ? 
hydrog13 hydrog ? ? B DC 6 O2 ? ? ? 1_555 D DG 3  N2 ? ? D DC 11 C DG 24 1_555 ? ? ? ? ? ? 'DC-DG PAIR'    ? ? ? 
hydrog14 hydrog ? ? B DT 8 N3 ? ? ? 1_555 D DA 1  N1 ? ? D DT 13 C DA 22 1_555 ? ? ? ? ? ? 'DT-DA PAIR'    ? ? ? 
# 
_struct_conn_type.id          hydrog 
_struct_conn_type.criteria    ? 
_struct_conn_type.reference   ? 
# 
loop_
_pdbx_validate_close_contact.id 
_pdbx_validate_close_contact.PDB_model_num 
_pdbx_validate_close_contact.auth_atom_id_1 
_pdbx_validate_close_contact.auth_asym_id_1 
_pdbx_validate_close_contact.auth_comp_id_1 
_pdbx_validate_close_contact.auth_seq_id_1 
_pdbx_validate_close_contact.PDB_ins_code_1 
_pdbx_validate_close_contact.label_alt_id_1 
_pdbx_validate_close_contact.auth_atom_id_2 
_pdbx_validate_close_contact.auth_asym_id_2 
_pdbx_validate_close_contact.auth_comp_id_2 
_pdbx_validate_close_contact.auth_seq_id_2 
_pdbx_validate_close_contact.PDB_ins_code_2 
_pdbx_validate_close_contact.label_alt_id_2 
_pdbx_validate_close_contact.dist 
1 1 O6 D DG 12 ? ? N2 C DG 24 ? ? 2.11 
2 1 N4 D DC 10 ? ? O6 C DG 25 ? ? 2.19 
# 
_pdbx_validate_rmsd_bond.id                        1 
_pdbx_validate_rmsd_bond.PDB_model_num             1 
_pdbx_validate_rmsd_bond.auth_atom_id_1            "O3'" 
_pdbx_validate_rmsd_bond.auth_asym_id_1            B 
_pdbx_validate_rmsd_bond.auth_comp_id_1            DG 
_pdbx_validate_rmsd_bond.auth_seq_id_1             9 
_pdbx_validate_rmsd_bond.PDB_ins_code_1            ? 
_pdbx_validate_rmsd_bond.label_alt_id_1            ? 
_pdbx_validate_rmsd_bond.auth_atom_id_2            "C3'" 
_pdbx_validate_rmsd_bond.auth_asym_id_2            B 
_pdbx_validate_rmsd_bond.auth_comp_id_2            DG 
_pdbx_validate_rmsd_bond.auth_seq_id_2             9 
_pdbx_validate_rmsd_bond.PDB_ins_code_2            ? 
_pdbx_validate_rmsd_bond.label_alt_id_2            ? 
_pdbx_validate_rmsd_bond.bond_value                1.374 
_pdbx_validate_rmsd_bond.bond_target_value         1.419 
_pdbx_validate_rmsd_bond.bond_deviation            -0.045 
_pdbx_validate_rmsd_bond.bond_standard_deviation   0.006 
_pdbx_validate_rmsd_bond.linker_flag               N 
# 
loop_
_pdbx_validate_rmsd_angle.id 
_pdbx_validate_rmsd_angle.PDB_model_num 
_pdbx_validate_rmsd_angle.auth_atom_id_1 
_pdbx_validate_rmsd_angle.auth_asym_id_1 
_pdbx_validate_rmsd_angle.auth_comp_id_1 
_pdbx_validate_rmsd_angle.auth_seq_id_1 
_pdbx_validate_rmsd_angle.PDB_ins_code_1 
_pdbx_validate_rmsd_angle.label_alt_id_1 
_pdbx_validate_rmsd_angle.auth_atom_id_2 
_pdbx_validate_rmsd_angle.auth_asym_id_2 
_pdbx_validate_rmsd_angle.auth_comp_id_2 
_pdbx_validate_rmsd_angle.auth_seq_id_2 
_pdbx_validate_rmsd_angle.PDB_ins_code_2 
_pdbx_validate_rmsd_angle.label_alt_id_2 
_pdbx_validate_rmsd_angle.auth_atom_id_3 
_pdbx_validate_rmsd_angle.auth_asym_id_3 
_pdbx_validate_rmsd_angle.auth_comp_id_3 
_pdbx_validate_rmsd_angle.auth_seq_id_3 
_pdbx_validate_rmsd_angle.PDB_ins_code_3 
_pdbx_validate_rmsd_angle.label_alt_id_3 
_pdbx_validate_rmsd_angle.angle_value 
_pdbx_validate_rmsd_angle.angle_target_value 
_pdbx_validate_rmsd_angle.angle_deviation 
_pdbx_validate_rmsd_angle.angle_standard_deviation 
_pdbx_validate_rmsd_angle.linker_flag 
1  1 "O4'" A DG 2  ? ? "C1'" A DG 2  ? ? N9    A DG 2  ? ? 110.22 108.30 1.92  0.30 N 
2  1 "O4'" A DA 3  ? ? "C1'" A DA 3  ? ? N9    A DA 3  ? ? 110.34 108.30 2.04  0.30 N 
3  1 "O4'" A DT 11 ? ? "C1'" A DT 11 ? ? N1    A DT 11 ? ? 112.03 108.30 3.73  0.30 N 
4  1 "O4'" A DG 12 ? ? "C1'" A DG 12 ? ? N9    A DG 12 ? ? 110.67 108.30 2.37  0.30 N 
5  1 "O4'" D DC 8  ? ? "C1'" D DC 8  ? ? N1    D DC 8  ? ? 111.15 108.30 2.85  0.30 N 
6  1 "O4'" D DC 11 ? ? "C1'" D DC 11 ? ? N1    D DC 11 ? ? 110.90 108.30 2.60  0.30 N 
7  1 "O4'" B DC 2  ? ? "C1'" B DC 2  ? ? N1    B DC 2  ? ? 110.10 108.30 1.80  0.30 N 
8  1 "O4'" B DG 4  ? ? "C1'" B DG 4  ? ? N9    B DG 4  ? ? 110.34 108.30 2.04  0.30 N 
9  1 "O4'" B DT 6  ? ? "C1'" B DT 6  ? ? N1    B DT 6  ? ? 110.27 108.30 1.97  0.30 N 
10 1 "O4'" B DG 9  ? ? "C4'" B DG 9  ? ? "C3'" B DG 9  ? ? 101.00 104.50 -3.50 0.40 N 
11 1 "O4'" B DG 9  ? ? "C1'" B DG 9  ? ? N9    B DG 9  ? ? 112.41 108.30 4.11  0.30 N 
12 1 "O4'" B DG 12 ? ? "C1'" B DG 12 ? ? N9    B DG 12 ? ? 110.96 108.30 2.66  0.30 N 
13 1 "O4'" C DA 26 ? ? "C1'" C DA 26 ? ? N9    C DA 26 ? ? 111.55 108.30 3.25  0.30 N 
14 1 "O4'" C DT 29 ? ? "C1'" C DT 29 ? ? N1    C DT 29 ? ? 110.85 108.30 2.55  0.30 N 
15 1 "O4'" C DC 30 ? ? "C1'" C DC 30 ? ? N1    C DC 30 ? ? 111.34 108.30 3.04  0.30 N 
# 
loop_
_chem_comp_atom.comp_id 
_chem_comp_atom.atom_id 
_chem_comp_atom.type_symbol 
_chem_comp_atom.pdbx_aromatic_flag 
_chem_comp_atom.pdbx_stereo_config 
_chem_comp_atom.pdbx_ordinal 
DA OP3    O N N 1   
DA P      P N N 2   
DA OP1    O N N 3   
DA OP2    O N N 4   
DA "O5'"  O N N 5   
DA "C5'"  C N N 6   
DA "C4'"  C N R 7   
DA "O4'"  O N N 8   
DA "C3'"  C N S 9   
DA "O3'"  O N N 10  
DA "C2'"  C N N 11  
DA "C1'"  C N R 12  
DA N9     N Y N 13  
DA C8     C Y N 14  
DA N7     N Y N 15  
DA C5     C Y N 16  
DA C6     C Y N 17  
DA N6     N N N 18  
DA N1     N Y N 19  
DA C2     C Y N 20  
DA N3     N Y N 21  
DA C4     C Y N 22  
DA HOP3   H N N 23  
DA HOP2   H N N 24  
DA "H5'"  H N N 25  
DA "H5''" H N N 26  
DA "H4'"  H N N 27  
DA "H3'"  H N N 28  
DA "HO3'" H N N 29  
DA "H2'"  H N N 30  
DA "H2''" H N N 31  
DA "H1'"  H N N 32  
DA H8     H N N 33  
DA H61    H N N 34  
DA H62    H N N 35  
DA H2     H N N 36  
DC OP3    O N N 37  
DC P      P N N 38  
DC OP1    O N N 39  
DC OP2    O N N 40  
DC "O5'"  O N N 41  
DC "C5'"  C N N 42  
DC "C4'"  C N R 43  
DC "O4'"  O N N 44  
DC "C3'"  C N S 45  
DC "O3'"  O N N 46  
DC "C2'"  C N N 47  
DC "C1'"  C N R 48  
DC N1     N N N 49  
DC C2     C N N 50  
DC O2     O N N 51  
DC N3     N N N 52  
DC C4     C N N 53  
DC N4     N N N 54  
DC C5     C N N 55  
DC C6     C N N 56  
DC HOP3   H N N 57  
DC HOP2   H N N 58  
DC "H5'"  H N N 59  
DC "H5''" H N N 60  
DC "H4'"  H N N 61  
DC "H3'"  H N N 62  
DC "HO3'" H N N 63  
DC "H2'"  H N N 64  
DC "H2''" H N N 65  
DC "H1'"  H N N 66  
DC H41    H N N 67  
DC H42    H N N 68  
DC H5     H N N 69  
DC H6     H N N 70  
DG OP3    O N N 71  
DG P      P N N 72  
DG OP1    O N N 73  
DG OP2    O N N 74  
DG "O5'"  O N N 75  
DG "C5'"  C N N 76  
DG "C4'"  C N R 77  
DG "O4'"  O N N 78  
DG "C3'"  C N S 79  
DG "O3'"  O N N 80  
DG "C2'"  C N N 81  
DG "C1'"  C N R 82  
DG N9     N Y N 83  
DG C8     C Y N 84  
DG N7     N Y N 85  
DG C5     C Y N 86  
DG C6     C N N 87  
DG O6     O N N 88  
DG N1     N N N 89  
DG C2     C N N 90  
DG N2     N N N 91  
DG N3     N N N 92  
DG C4     C Y N 93  
DG HOP3   H N N 94  
DG HOP2   H N N 95  
DG "H5'"  H N N 96  
DG "H5''" H N N 97  
DG "H4'"  H N N 98  
DG "H3'"  H N N 99  
DG "HO3'" H N N 100 
DG "H2'"  H N N 101 
DG "H2''" H N N 102 
DG "H1'"  H N N 103 
DG H8     H N N 104 
DG H1     H N N 105 
DG H21    H N N 106 
DG H22    H N N 107 
DT OP3    O N N 108 
DT P      P N N 109 
DT OP1    O N N 110 
DT OP2    O N N 111 
DT "O5'"  O N N 112 
DT "C5'"  C N N 113 
DT "C4'"  C N R 114 
DT "O4'"  O N N 115 
DT "C3'"  C N S 116 
DT "O3'"  O N N 117 
DT "C2'"  C N N 118 
DT "C1'"  C N R 119 
DT N1     N N N 120 
DT C2     C N N 121 
DT O2     O N N 122 
DT N3     N N N 123 
DT C4     C N N 124 
DT O4     O N N 125 
DT C5     C N N 126 
DT C7     C N N 127 
DT C6     C N N 128 
DT HOP3   H N N 129 
DT HOP2   H N N 130 
DT "H5'"  H N N 131 
DT "H5''" H N N 132 
DT "H4'"  H N N 133 
DT "H3'"  H N N 134 
DT "HO3'" H N N 135 
DT "H2'"  H N N 136 
DT "H2''" H N N 137 
DT "H1'"  H N N 138 
DT H3     H N N 139 
DT H71    H N N 140 
DT H72    H N N 141 
DT H73    H N N 142 
DT H6     H N N 143 
# 
loop_
_chem_comp_bond.comp_id 
_chem_comp_bond.atom_id_1 
_chem_comp_bond.atom_id_2 
_chem_comp_bond.value_order 
_chem_comp_bond.pdbx_aromatic_flag 
_chem_comp_bond.pdbx_stereo_config 
_chem_comp_bond.pdbx_ordinal 
DA OP3   P      sing N N 1   
DA OP3   HOP3   sing N N 2   
DA P     OP1    doub N N 3   
DA P     OP2    sing N N 4   
DA P     "O5'"  sing N N 5   
DA OP2   HOP2   sing N N 6   
DA "O5'" "C5'"  sing N N 7   
DA "C5'" "C4'"  sing N N 8   
DA "C5'" "H5'"  sing N N 9   
DA "C5'" "H5''" sing N N 10  
DA "C4'" "O4'"  sing N N 11  
DA "C4'" "C3'"  sing N N 12  
DA "C4'" "H4'"  sing N N 13  
DA "O4'" "C1'"  sing N N 14  
DA "C3'" "O3'"  sing N N 15  
DA "C3'" "C2'"  sing N N 16  
DA "C3'" "H3'"  sing N N 17  
DA "O3'" "HO3'" sing N N 18  
DA "C2'" "C1'"  sing N N 19  
DA "C2'" "H2'"  sing N N 20  
DA "C2'" "H2''" sing N N 21  
DA "C1'" N9     sing N N 22  
DA "C1'" "H1'"  sing N N 23  
DA N9    C8     sing Y N 24  
DA N9    C4     sing Y N 25  
DA C8    N7     doub Y N 26  
DA C8    H8     sing N N 27  
DA N7    C5     sing Y N 28  
DA C5    C6     sing Y N 29  
DA C5    C4     doub Y N 30  
DA C6    N6     sing N N 31  
DA C6    N1     doub Y N 32  
DA N6    H61    sing N N 33  
DA N6    H62    sing N N 34  
DA N1    C2     sing Y N 35  
DA C2    N3     doub Y N 36  
DA C2    H2     sing N N 37  
DA N3    C4     sing Y N 38  
DC OP3   P      sing N N 39  
DC OP3   HOP3   sing N N 40  
DC P     OP1    doub N N 41  
DC P     OP2    sing N N 42  
DC P     "O5'"  sing N N 43  
DC OP2   HOP2   sing N N 44  
DC "O5'" "C5'"  sing N N 45  
DC "C5'" "C4'"  sing N N 46  
DC "C5'" "H5'"  sing N N 47  
DC "C5'" "H5''" sing N N 48  
DC "C4'" "O4'"  sing N N 49  
DC "C4'" "C3'"  sing N N 50  
DC "C4'" "H4'"  sing N N 51  
DC "O4'" "C1'"  sing N N 52  
DC "C3'" "O3'"  sing N N 53  
DC "C3'" "C2'"  sing N N 54  
DC "C3'" "H3'"  sing N N 55  
DC "O3'" "HO3'" sing N N 56  
DC "C2'" "C1'"  sing N N 57  
DC "C2'" "H2'"  sing N N 58  
DC "C2'" "H2''" sing N N 59  
DC "C1'" N1     sing N N 60  
DC "C1'" "H1'"  sing N N 61  
DC N1    C2     sing N N 62  
DC N1    C6     sing N N 63  
DC C2    O2     doub N N 64  
DC C2    N3     sing N N 65  
DC N3    C4     doub N N 66  
DC C4    N4     sing N N 67  
DC C4    C5     sing N N 68  
DC N4    H41    sing N N 69  
DC N4    H42    sing N N 70  
DC C5    C6     doub N N 71  
DC C5    H5     sing N N 72  
DC C6    H6     sing N N 73  
DG OP3   P      sing N N 74  
DG OP3   HOP3   sing N N 75  
DG P     OP1    doub N N 76  
DG P     OP2    sing N N 77  
DG P     "O5'"  sing N N 78  
DG OP2   HOP2   sing N N 79  
DG "O5'" "C5'"  sing N N 80  
DG "C5'" "C4'"  sing N N 81  
DG "C5'" "H5'"  sing N N 82  
DG "C5'" "H5''" sing N N 83  
DG "C4'" "O4'"  sing N N 84  
DG "C4'" "C3'"  sing N N 85  
DG "C4'" "H4'"  sing N N 86  
DG "O4'" "C1'"  sing N N 87  
DG "C3'" "O3'"  sing N N 88  
DG "C3'" "C2'"  sing N N 89  
DG "C3'" "H3'"  sing N N 90  
DG "O3'" "HO3'" sing N N 91  
DG "C2'" "C1'"  sing N N 92  
DG "C2'" "H2'"  sing N N 93  
DG "C2'" "H2''" sing N N 94  
DG "C1'" N9     sing N N 95  
DG "C1'" "H1'"  sing N N 96  
DG N9    C8     sing Y N 97  
DG N9    C4     sing Y N 98  
DG C8    N7     doub Y N 99  
DG C8    H8     sing N N 100 
DG N7    C5     sing Y N 101 
DG C5    C6     sing N N 102 
DG C5    C4     doub Y N 103 
DG C6    O6     doub N N 104 
DG C6    N1     sing N N 105 
DG N1    C2     sing N N 106 
DG N1    H1     sing N N 107 
DG C2    N2     sing N N 108 
DG C2    N3     doub N N 109 
DG N2    H21    sing N N 110 
DG N2    H22    sing N N 111 
DG N3    C4     sing N N 112 
DT OP3   P      sing N N 113 
DT OP3   HOP3   sing N N 114 
DT P     OP1    doub N N 115 
DT P     OP2    sing N N 116 
DT P     "O5'"  sing N N 117 
DT OP2   HOP2   sing N N 118 
DT "O5'" "C5'"  sing N N 119 
DT "C5'" "C4'"  sing N N 120 
DT "C5'" "H5'"  sing N N 121 
DT "C5'" "H5''" sing N N 122 
DT "C4'" "O4'"  sing N N 123 
DT "C4'" "C3'"  sing N N 124 
DT "C4'" "H4'"  sing N N 125 
DT "O4'" "C1'"  sing N N 126 
DT "C3'" "O3'"  sing N N 127 
DT "C3'" "C2'"  sing N N 128 
DT "C3'" "H3'"  sing N N 129 
DT "O3'" "HO3'" sing N N 130 
DT "C2'" "C1'"  sing N N 131 
DT "C2'" "H2'"  sing N N 132 
DT "C2'" "H2''" sing N N 133 
DT "C1'" N1     sing N N 134 
DT "C1'" "H1'"  sing N N 135 
DT N1    C2     sing N N 136 
DT N1    C6     sing N N 137 
DT C2    O2     doub N N 138 
DT C2    N3     sing N N 139 
DT N3    C4     sing N N 140 
DT N3    H3     sing N N 141 
DT C4    O4     doub N N 142 
DT C4    C5     sing N N 143 
DT C5    C7     sing N N 144 
DT C5    C6     doub N N 145 
DT C7    H71    sing N N 146 
DT C7    H72    sing N N 147 
DT C7    H73    sing N N 148 
DT C6    H6     sing N N 149 
# 
_ndb_struct_conf_na.entry_id   5EOS 
_ndb_struct_conf_na.feature    'double helix' 
# 
loop_
_ndb_struct_na_base_pair.model_number 
_ndb_struct_na_base_pair.i_label_asym_id 
_ndb_struct_na_base_pair.i_label_comp_id 
_ndb_struct_na_base_pair.i_label_seq_id 
_ndb_struct_na_base_pair.i_symmetry 
_ndb_struct_na_base_pair.j_label_asym_id 
_ndb_struct_na_base_pair.j_label_comp_id 
_ndb_struct_na_base_pair.j_label_seq_id 
_ndb_struct_na_base_pair.j_symmetry 
_ndb_struct_na_base_pair.shear 
_ndb_struct_na_base_pair.stretch 
_ndb_struct_na_base_pair.stagger 
_ndb_struct_na_base_pair.buckle 
_ndb_struct_na_base_pair.propeller 
_ndb_struct_na_base_pair.opening 
_ndb_struct_na_base_pair.pair_number 
_ndb_struct_na_base_pair.pair_name 
_ndb_struct_na_base_pair.i_auth_asym_id 
_ndb_struct_na_base_pair.i_auth_seq_id 
_ndb_struct_na_base_pair.i_PDB_ins_code 
_ndb_struct_na_base_pair.j_auth_asym_id 
_ndb_struct_na_base_pair.j_auth_seq_id 
_ndb_struct_na_base_pair.j_PDB_ins_code 
_ndb_struct_na_base_pair.hbond_type_28 
_ndb_struct_na_base_pair.hbond_type_12 
1 A DA 5 1_555 C DG 12 1_555 2.210  2.045  2.223  -28.957 -14.986 54.264  1  A_DA6:DG12_B  A 6  ? B 12 ? ?  5 
1 A DG 6 1_555 C DC 10 1_555 -3.556 1.899  -0.013 -24.526 -2.328  59.711  2  A_DG7:DC10_B  A 7  ? B 10 ? ?  1 
1 A DC 7 1_555 C DG 9  1_555 -0.261 0.316  1.158  -2.468  -25.870 13.768  3  A_DC8:DG9_B   A 8  ? B 9  ? ?  1 
1 A DG 9 1_555 B DC 3  1_555 0.630  0.541  0.317  8.340   -15.324 19.953  4  A_DG10:DC8_D  A 10 ? D 8  ? ?  1 
1 C DT 3 1_555 D DA 10 1_555 -0.419 0.122  2.304  20.530  -43.527 -1.346  5  B_DT3:DA31_C  B 3  ? C 31 ? ?  ? 
1 C DG 4 1_555 D DC 9  1_555 0.871  0.005  -1.038 17.044  -51.712 -4.116  6  B_DG4:DC30_C  B 4  ? C 30 ? ?  1 
1 C DA 5 1_555 D DT 8  1_555 0.852  0.402  -0.917 2.718   -58.361 -1.323  7  B_DA5:DT29_C  B 5  ? C 29 ? 20 1 
1 C DG 7 1_555 D DC 6  1_555 -1.360 1.093  -1.315 -50.339 -17.485 14.999  8  B_DG7:DC27_C  B 7  ? C 27 ? ?  ? 
1 B DC 5 1_555 D DG 4  1_555 -0.360 -0.454 -0.852 2.493   -39.138 -13.304 9  D_DC10:DG25_C D 10 ? C 25 ? ?  1 
1 B DC 6 1_555 D DG 3  1_555 0.062  2.247  0.651  -19.852 -46.154 38.572  10 D_DC11:DG24_C D 11 ? C 24 ? ?  ? 
1 B DT 8 1_555 D DA 1  1_555 0.392  0.601  -0.033 30.626  -35.161 -2.552  11 D_DT13:DA22_C D 13 ? C 22 ? ?  ? 
# 
loop_
_ndb_struct_na_base_pair_step.model_number 
_ndb_struct_na_base_pair_step.i_label_asym_id_1 
_ndb_struct_na_base_pair_step.i_label_comp_id_1 
_ndb_struct_na_base_pair_step.i_label_seq_id_1 
_ndb_struct_na_base_pair_step.i_symmetry_1 
_ndb_struct_na_base_pair_step.j_label_asym_id_1 
_ndb_struct_na_base_pair_step.j_label_comp_id_1 
_ndb_struct_na_base_pair_step.j_label_seq_id_1 
_ndb_struct_na_base_pair_step.j_symmetry_1 
_ndb_struct_na_base_pair_step.i_label_asym_id_2 
_ndb_struct_na_base_pair_step.i_label_comp_id_2 
_ndb_struct_na_base_pair_step.i_label_seq_id_2 
_ndb_struct_na_base_pair_step.i_symmetry_2 
_ndb_struct_na_base_pair_step.j_label_asym_id_2 
_ndb_struct_na_base_pair_step.j_label_comp_id_2 
_ndb_struct_na_base_pair_step.j_label_seq_id_2 
_ndb_struct_na_base_pair_step.j_symmetry_2 
_ndb_struct_na_base_pair_step.shift 
_ndb_struct_na_base_pair_step.slide 
_ndb_struct_na_base_pair_step.rise 
_ndb_struct_na_base_pair_step.tilt 
_ndb_struct_na_base_pair_step.roll 
_ndb_struct_na_base_pair_step.twist 
_ndb_struct_na_base_pair_step.x_displacement 
_ndb_struct_na_base_pair_step.y_displacement 
_ndb_struct_na_base_pair_step.helical_rise 
_ndb_struct_na_base_pair_step.inclination 
_ndb_struct_na_base_pair_step.tip 
_ndb_struct_na_base_pair_step.helical_twist 
_ndb_struct_na_base_pair_step.step_number 
_ndb_struct_na_base_pair_step.step_name 
_ndb_struct_na_base_pair_step.i_auth_asym_id_1 
_ndb_struct_na_base_pair_step.i_auth_seq_id_1 
_ndb_struct_na_base_pair_step.i_PDB_ins_code_1 
_ndb_struct_na_base_pair_step.j_auth_asym_id_1 
_ndb_struct_na_base_pair_step.j_auth_seq_id_1 
_ndb_struct_na_base_pair_step.j_PDB_ins_code_1 
_ndb_struct_na_base_pair_step.i_auth_asym_id_2 
_ndb_struct_na_base_pair_step.i_auth_seq_id_2 
_ndb_struct_na_base_pair_step.i_PDB_ins_code_2 
_ndb_struct_na_base_pair_step.j_auth_asym_id_2 
_ndb_struct_na_base_pair_step.j_auth_seq_id_2 
_ndb_struct_na_base_pair_step.j_PDB_ins_code_2 
1 A DA 5 1_555 C DG 12 1_555 A DG 6 1_555 C DC 10 1_555 2.328  -0.329 4.582 -14.756 7.895  24.653 -2.637 -8.268 2.590 16.308 
30.479  29.724 1 AA_DA6DG7:DC10DG12_BB   A 6  ? B 12 ? A 7  ? B 10 ? 
1 A DG 6 1_555 C DC 10 1_555 A DC 7 1_555 C DG 9  1_555 -2.150 1.425  2.734 -7.532  -1.353 52.351 1.677  1.990  2.960 -1.524 8.486 
52.868 2 AA_DG7DC8:DG9DC10_BB    A 7  ? B 10 ? A 8  ? B 9  ? 
1 A DC 7 1_555 C DG 9  1_555 A DG 9 1_555 B DC 3  1_555 -2.981 -0.054 6.435 -1.126  19.709 49.655 -2.561 3.185  6.074 22.472 1.284 
53.203 3 AA_DC8DG10:DC8DG9_DB    A 8  ? B 9  ? A 10 ? D 8  ? 
1 C DT 3 1_555 D DA 10 1_555 C DG 4 1_555 D DC 9  1_555 -0.383 0.334  4.228 23.711  7.068  41.010 -0.317 2.927  3.533 9.156  
-30.717 47.619 4 BB_DT3DG4:DC30DA31_CC   B 3  ? C 31 ? B 4  ? C 30 ? 
1 C DG 4 1_555 D DC 9  1_555 C DA 5 1_555 D DT 8  1_555 0.003  0.863  3.785 -5.431  -5.620 39.176 2.002  -0.718 3.600 -8.282 8.003 
39.917 5 BB_DG4DA5:DT29DC30_CC   B 4  ? C 30 ? B 5  ? C 29 ? 
1 C DA 5 1_555 D DT 8  1_555 C DG 7 1_555 D DC 6  1_555 0.286  -1.031 7.019 -13.288 20.854 62.717 -2.669 -1.364 6.283 19.264 
12.274  66.951 6 BB_DA5DG7:DC27DT29_CC   B 5  ? C 29 ? B 7  ? C 27 ? 
1 C DG 7 1_555 D DC 6  1_555 B DC 5 1_555 D DG 4  1_555 -1.753 -0.162 5.201 -8.390  9.267  65.361 -0.747 1.058  5.304 8.500  7.696 
66.415 7 BD_DG7DC10:DG25DC27_CC  B 7  ? C 27 ? D 10 ? C 25 ? 
1 B DC 5 1_555 D DG 4  1_555 B DC 6 1_555 D DG 3  1_555 1.927  2.419  4.171 11.378  -1.067 43.143 3.321  -1.136 4.458 -1.421 
-15.158 44.562 8 DD_DC10DC11:DG24DG25_CC D 10 ? C 25 ? D 11 ? C 24 ? 
1 B DC 6 1_555 D DG 3  1_555 B DT 8 1_555 D DA 1  1_555 -2.432 1.760  4.393 -30.822 34.646 57.243 -0.486 0.301  5.278 31.231 
27.784  72.410 9 DD_DC11DT13:DA22DG24_CC D 11 ? C 24 ? D 13 ? C 22 ? 
# 
_atom_sites.entry_id                    5EOS 
_atom_sites.fract_transf_matrix[1][1]   0.00856505 
_atom_sites.fract_transf_matrix[1][2]   0.00368361 
_atom_sites.fract_transf_matrix[1][3]   0.00482085 
_atom_sites.fract_transf_matrix[2][1]   0.00803378 
_atom_sites.fract_transf_matrix[2][2]   -0.00643075 
_atom_sites.fract_transf_matrix[2][3]   0.00206637 
_atom_sites.fract_transf_matrix[3][1]   0.00483352 
_atom_sites.fract_transf_matrix[3][2]   0.00263263 
_atom_sites.fract_transf_matrix[3][3]   -0.01059913 
_atom_sites.fract_transf_vector[1]      -0.141938 
_atom_sites.fract_transf_vector[2]      0.323967 
_atom_sites.fract_transf_vector[3]      0.072594 
# 
loop_
_atom_type.symbol 
C 
N 
O 
P 
# 
loop_
_atom_site.group_PDB 
_atom_site.id 
_atom_site.type_symbol 
_atom_site.label_atom_id 
_atom_site.label_alt_id 
_atom_site.label_comp_id 
_atom_site.label_asym_id 
_atom_site.label_entity_id 
_atom_site.label_seq_id 
_atom_site.pdbx_PDB_ins_code 
_atom_site.Cartn_x 
_atom_site.Cartn_y 
_atom_site.Cartn_z 
_atom_site.occupancy 
_atom_site.B_iso_or_equiv 
_atom_site.pdbx_formal_charge 
_atom_site.auth_seq_id 
_atom_site.auth_comp_id 
_atom_site.auth_asym_id 
_atom_site.auth_atom_id 
_atom_site.pdbx_PDB_model_num 
ATOM 1   P P     . DG A 1 1  ? -2.898  11.033  15.154  1.00 344.27 ? 2  DG A P     1 
ATOM 2   O OP1   . DG A 1 1  ? -4.348  10.788  15.341  1.00 344.27 ? 2  DG A OP1   1 
ATOM 3   O OP2   . DG A 1 1  ? -1.893  10.513  16.120  1.00 344.27 ? 2  DG A OP2   1 
ATOM 4   O "O5'" . DG A 1 1  ? -2.527  10.606  13.657  1.00 344.27 ? 2  DG A "O5'" 1 
ATOM 5   C "C5'" . DG A 1 1  ? -1.905  11.542  12.808  1.00 344.27 ? 2  DG A "C5'" 1 
ATOM 6   C "C4'" . DG A 1 1  ? -0.393  11.470  12.947  1.00 344.27 ? 2  DG A "C4'" 1 
ATOM 7   O "O4'" . DG A 1 1  ? -0.019  10.893  14.243  1.00 344.27 ? 2  DG A "O4'" 1 
ATOM 8   C "C3'" . DG A 1 1  ? 0.302   10.625  11.879  1.00 344.27 ? 2  DG A "C3'" 1 
ATOM 9   O "O3'" . DG A 1 1  ? 1.431   11.342  11.343  1.00 344.27 ? 2  DG A "O3'" 1 
ATOM 10  C "C2'" . DG A 1 1  ? 0.729   9.366   12.648  1.00 344.27 ? 2  DG A "C2'" 1 
ATOM 11  C "C1'" . DG A 1 1  ? 0.993   9.927   14.040  1.00 344.27 ? 2  DG A "C1'" 1 
ATOM 12  N N9    . DG A 1 1  ? 0.950   8.910   15.112  1.00 362.27 ? 2  DG A N9    1 
ATOM 13  C C8    . DG A 1 1  ? 0.214   7.740   15.123  1.00 362.27 ? 2  DG A C8    1 
ATOM 14  N N7    . DG A 1 1  ? 0.386   7.018   16.201  1.00 362.27 ? 2  DG A N7    1 
ATOM 15  C C5    . DG A 1 1  ? 1.303   7.749   16.951  1.00 362.27 ? 2  DG A C5    1 
ATOM 16  C C6    . DG A 1 1  ? 1.873   7.468   18.219  1.00 362.27 ? 2  DG A C6    1 
ATOM 17  O O6    . DG A 1 1  ? 1.667   6.487   18.949  1.00 362.27 ? 2  DG A O6    1 
ATOM 18  N N1    . DG A 1 1  ? 2.761   8.472   18.619  1.00 362.27 ? 2  DG A N1    1 
ATOM 19  C C2    . DG A 1 1  ? 3.062   9.599   17.887  1.00 362.27 ? 2  DG A C2    1 
ATOM 20  N N2    . DG A 1 1  ? 3.938   10.450  18.442  1.00 362.27 ? 2  DG A N2    1 
ATOM 21  N N3    . DG A 1 1  ? 2.533   9.878   16.701  1.00 362.27 ? 2  DG A N3    1 
ATOM 22  C C4    . DG A 1 1  ? 1.667   8.912   16.295  1.00 362.27 ? 2  DG A C4    1 
ATOM 23  P P     . DA A 1 2  ? 1.574   11.590  9.756   1.00 347.69 ? 3  DA A P     1 
ATOM 24  O OP1   . DA A 1 2  ? 1.310   13.024  9.493   1.00 347.69 ? 3  DA A OP1   1 
ATOM 25  O OP2   . DA A 1 2  ? 0.722   10.570  9.087   1.00 347.69 ? 3  DA A OP2   1 
ATOM 26  O "O5'" . DA A 1 2  ? 3.138   11.317  9.459   1.00 347.69 ? 3  DA A "O5'" 1 
ATOM 27  C "C5'" . DA A 1 2  ? 4.135   12.254  9.896   1.00 347.69 ? 3  DA A "C5'" 1 
ATOM 28  C "C4'" . DA A 1 2  ? 5.409   11.536  10.313  1.00 347.69 ? 3  DA A "C4'" 1 
ATOM 29  O "O4'" . DA A 1 2  ? 5.213   10.873  11.602  1.00 347.69 ? 3  DA A "O4'" 1 
ATOM 30  C "C3'" . DA A 1 2  ? 5.878   10.440  9.348   1.00 347.69 ? 3  DA A "C3'" 1 
ATOM 31  O "O3'" . DA A 1 2  ? 7.290   10.551  9.112   1.00 347.69 ? 3  DA A "O3'" 1 
ATOM 32  C "C2'" . DA A 1 2  ? 5.542   9.156   10.103  1.00 347.69 ? 3  DA A "C2'" 1 
ATOM 33  C "C1'" . DA A 1 2  ? 5.803   9.594   11.530  1.00 347.69 ? 3  DA A "C1'" 1 
ATOM 34  N N9    . DA A 1 2  ? 5.211   8.701   12.535  1.00 365.69 ? 3  DA A N9    1 
ATOM 35  C C8    . DA A 1 2  ? 3.918   8.691   12.964  1.00 365.69 ? 3  DA A C8    1 
ATOM 36  N N7    . DA A 1 2  ? 3.656   7.765   13.857  1.00 365.69 ? 3  DA A N7    1 
ATOM 37  C C5    . DA A 1 2  ? 4.863   7.111   14.023  1.00 365.69 ? 3  DA A C5    1 
ATOM 38  C C6    . DA A 1 2  ? 5.249   6.028   14.836  1.00 365.69 ? 3  DA A C6    1 
ATOM 39  N N6    . DA A 1 2  ? 4.408   5.402   15.669  1.00 365.69 ? 3  DA A N6    1 
ATOM 40  N N1    . DA A 1 2  ? 6.535   5.615   14.763  1.00 365.69 ? 3  DA A N1    1 
ATOM 41  C C2    . DA A 1 2  ? 7.369   6.251   13.931  1.00 365.69 ? 3  DA A C2    1 
ATOM 42  N N3    . DA A 1 2  ? 7.124   7.286   13.126  1.00 365.69 ? 3  DA A N3    1 
ATOM 43  C C4    . DA A 1 2  ? 5.838   7.668   13.213  1.00 365.69 ? 3  DA A C4    1 
ATOM 44  P P     . DG A 1 3  ? 8.030   9.530   8.104   1.00 353.51 ? 4  DG A P     1 
ATOM 45  O OP1   . DG A 1 3  ? 9.419   9.953   7.819   1.00 353.51 ? 4  DG A OP1   1 
ATOM 46  O OP2   . DG A 1 3  ? 7.060   9.362   6.996   1.00 353.51 ? 4  DG A OP2   1 
ATOM 47  O "O5'" . DG A 1 3  ? 8.154   8.148   8.918   1.00 353.51 ? 4  DG A "O5'" 1 
ATOM 48  C "C5'" . DG A 1 3  ? 8.913   8.055   10.130  1.00 353.51 ? 4  DG A "C5'" 1 
ATOM 49  C "C4'" . DG A 1 3  ? 9.077   6.598   10.522  1.00 353.51 ? 4  DG A "C4'" 1 
ATOM 50  O "O4'" . DG A 1 3  ? 7.786   6.023   10.896  1.00 353.51 ? 4  DG A "O4'" 1 
ATOM 51  C "C3'" . DG A 1 3  ? 9.627   5.710   9.412   1.00 353.51 ? 4  DG A "C3'" 1 
ATOM 52  O "O3'" . DG A 1 3  ? 10.629  4.879   9.944   1.00 353.51 ? 4  DG A "O3'" 1 
ATOM 53  C "C2'" . DG A 1 3  ? 8.402   4.901   8.946   1.00 353.51 ? 4  DG A "C2'" 1 
ATOM 54  C "C1'" . DG A 1 3  ? 7.586   4.790   10.223  1.00 353.51 ? 4  DG A "C1'" 1 
ATOM 55  N N9    . DG A 1 3  ? 6.129   4.575   10.006  1.00 371.51 ? 4  DG A N9    1 
ATOM 56  C C8    . DG A 1 3  ? 5.412   4.769   8.839   1.00 371.51 ? 4  DG A C8    1 
ATOM 57  N N7    . DG A 1 3  ? 4.135   4.506   8.954   1.00 371.51 ? 4  DG A N7    1 
ATOM 58  C C5    . DG A 1 3  ? 3.988   4.104   10.277  1.00 371.51 ? 4  DG A C5    1 
ATOM 59  C C6    . DG A 1 3  ? 2.824   3.693   10.987  1.00 371.51 ? 4  DG A C6    1 
ATOM 60  O O6    . DG A 1 3  ? 1.659   3.600   10.567  1.00 371.51 ? 4  DG A O6    1 
ATOM 61  N N1    . DG A 1 3  ? 3.119   3.371   12.319  1.00 371.51 ? 4  DG A N1    1 
ATOM 62  C C2    . DG A 1 3  ? 4.377   3.449   12.893  1.00 371.51 ? 4  DG A C2    1 
ATOM 63  N N2    . DG A 1 3  ? 4.473   3.083   14.184  1.00 371.51 ? 4  DG A N2    1 
ATOM 64  N N3    . DG A 1 3  ? 5.471   3.828   12.237  1.00 371.51 ? 4  DG A N3    1 
ATOM 65  C C4    . DG A 1 3  ? 5.205   4.138   10.940  1.00 371.51 ? 4  DG A C4    1 
ATOM 66  P P     . DC A 1 4  ? 11.708  4.171   8.987   1.00 353.41 ? 5  DC A P     1 
ATOM 67  O OP1   . DC A 1 4  ? 12.970  4.933   9.178   1.00 353.41 ? 5  DC A OP1   1 
ATOM 68  O OP2   . DC A 1 4  ? 11.140  4.076   7.614   1.00 353.41 ? 5  DC A OP2   1 
ATOM 69  O "O5'" . DC A 1 4  ? 11.825  2.674   9.602   1.00 353.41 ? 5  DC A "O5'" 1 
ATOM 70  C "C5'" . DC A 1 4  ? 12.836  2.351   10.606  1.00 353.41 ? 5  DC A "C5'" 1 
ATOM 71  C "C4'" . DC A 1 4  ? 12.250  1.608   11.821  1.00 353.41 ? 5  DC A "C4'" 1 
ATOM 72  O "O4'" . DC A 1 4  ? 10.933  2.113   12.128  1.00 353.41 ? 5  DC A "O4'" 1 
ATOM 73  C "C3'" . DC A 1 4  ? 12.050  0.096   11.679  1.00 353.41 ? 5  DC A "C3'" 1 
ATOM 74  O "O3'" . DC A 1 4  ? 13.294  -0.631  11.981  1.00 353.41 ? 5  DC A "O3'" 1 
ATOM 75  C "C2'" . DC A 1 4  ? 10.963  -0.190  12.737  1.00 353.41 ? 5  DC A "C2'" 1 
ATOM 76  C "C1'" . DC A 1 4  ? 10.267  1.172   12.948  1.00 353.41 ? 5  DC A "C1'" 1 
ATOM 77  N N1    . DC A 1 4  ? 8.833   1.149   12.571  1.00 371.41 ? 5  DC A N1    1 
ATOM 78  C C2    . DC A 1 4  ? 7.839   1.126   13.562  1.00 371.41 ? 5  DC A C2    1 
ATOM 79  O O2    . DC A 1 4  ? 8.167   1.146   14.753  1.00 371.41 ? 5  DC A O2    1 
ATOM 80  N N3    . DC A 1 4  ? 6.538   1.089   13.182  1.00 371.41 ? 5  DC A N3    1 
ATOM 81  C C4    . DC A 1 4  ? 6.226   1.058   11.880  1.00 371.41 ? 5  DC A C4    1 
ATOM 82  N N4    . DC A 1 4  ? 4.932   1.020   11.538  1.00 371.41 ? 5  DC A N4    1 
ATOM 83  C C5    . DC A 1 4  ? 7.225   1.086   10.869  1.00 371.41 ? 5  DC A C5    1 
ATOM 84  C C6    . DC A 1 4  ? 8.498   1.122   11.256  1.00 371.41 ? 5  DC A C6    1 
ATOM 85  P P     . DA A 1 5  ? 13.674  -2.020  11.232  1.00 342.14 ? 6  DA A P     1 
ATOM 86  O OP1   . DA A 1 5  ? 15.019  -2.468  11.670  1.00 342.14 ? 6  DA A OP1   1 
ATOM 87  O OP2   . DA A 1 5  ? 13.424  -1.826  9.786   1.00 342.14 ? 6  DA A OP2   1 
ATOM 88  O "O5'" . DA A 1 5  ? 12.614  -3.090  11.787  1.00 342.14 ? 6  DA A "O5'" 1 
ATOM 89  C "C5'" . DA A 1 5  ? 12.931  -3.908  12.919  1.00 342.14 ? 6  DA A "C5'" 1 
ATOM 90  C "C4'" . DA A 1 5  ? 11.671  -4.543  13.486  1.00 342.14 ? 6  DA A "C4'" 1 
ATOM 91  O "O4'" . DA A 1 5  ? 10.528  -3.687  13.201  1.00 342.14 ? 6  DA A "O4'" 1 
ATOM 92  C "C3'" . DA A 1 5  ? 11.341  -5.929  12.930  1.00 342.14 ? 6  DA A "C3'" 1 
ATOM 93  O "O3'" . DA A 1 5  ? 11.039  -6.843  14.008  1.00 342.14 ? 6  DA A "O3'" 1 
ATOM 94  C "C2'" . DA A 1 5  ? 10.142  -5.699  11.996  1.00 342.14 ? 6  DA A "C2'" 1 
ATOM 95  C "C1'" . DA A 1 5  ? 9.517   -4.397  12.505  1.00 342.14 ? 6  DA A "C1'" 1 
ATOM 96  N N9    . DA A 1 5  ? 8.995   -3.536  11.424  1.00 360.14 ? 6  DA A N9    1 
ATOM 97  C C8    . DA A 1 5  ? 9.716   -2.943  10.423  1.00 360.14 ? 6  DA A C8    1 
ATOM 98  N N7    . DA A 1 5  ? 8.988   -2.232  9.586   1.00 360.14 ? 6  DA A N7    1 
ATOM 99  C C5    . DA A 1 5  ? 7.695   -2.367  10.067  1.00 360.14 ? 6  DA A C5    1 
ATOM 100 C C6    . DA A 1 5  ? 6.453   -1.854  9.621   1.00 360.14 ? 6  DA A C6    1 
ATOM 101 N N6    . DA A 1 5  ? 6.315   -1.068  8.544   1.00 360.14 ? 6  DA A N6    1 
ATOM 102 N N1    . DA A 1 5  ? 5.357   -2.181  10.330  1.00 360.14 ? 6  DA A N1    1 
ATOM 103 C C2    . DA A 1 5  ? 5.495   -2.967  11.405  1.00 360.14 ? 6  DA A C2    1 
ATOM 104 N N3    . DA A 1 5  ? 6.600   -3.509  11.920  1.00 360.14 ? 6  DA A N3    1 
ATOM 105 C C4    . DA A 1 5  ? 7.677   -3.167  11.200  1.00 360.14 ? 6  DA A C4    1 
ATOM 106 P P     . DG A 1 6  ? 10.650  -8.381  13.707  1.00 329.09 ? 7  DG A P     1 
ATOM 107 O OP1   . DG A 1 6  ? 10.865  -9.156  14.948  1.00 329.09 ? 7  DG A OP1   1 
ATOM 108 O OP2   . DG A 1 6  ? 11.340  -8.829  12.470  1.00 329.09 ? 7  DG A OP2   1 
ATOM 109 O "O5'" . DG A 1 6  ? 9.068   -8.325  13.468  1.00 329.09 ? 7  DG A "O5'" 1 
ATOM 110 C "C5'" . DG A 1 6  ? 8.185   -8.099  14.581  1.00 329.09 ? 7  DG A "C5'" 1 
ATOM 111 C "C4'" . DG A 1 6  ? 6.798   -8.659  14.301  1.00 329.09 ? 7  DG A "C4'" 1 
ATOM 112 O "O4'" . DG A 1 6  ? 6.036   -7.681  13.542  1.00 329.09 ? 7  DG A "O4'" 1 
ATOM 113 C "C3'" . DG A 1 6  ? 6.786   -9.953  13.474  1.00 329.09 ? 7  DG A "C3'" 1 
ATOM 114 O "O3'" . DG A 1 6  ? 5.713   -10.858 13.886  1.00 329.09 ? 7  DG A "O3'" 1 
ATOM 115 C "C2'" . DG A 1 6  ? 6.574   -9.440  12.064  1.00 329.09 ? 7  DG A "C2'" 1 
ATOM 116 C "C1'" . DG A 1 6  ? 5.691   -8.217  12.285  1.00 329.09 ? 7  DG A "C1'" 1 
ATOM 117 N N9    . DG A 1 6  ? 5.936   -7.218  11.279  1.00 347.09 ? 7  DG A N9    1 
ATOM 118 C C8    . DG A 1 6  ? 7.159   -6.755  10.875  1.00 347.09 ? 7  DG A C8    1 
ATOM 119 N N7    . DG A 1 6  ? 7.090   -5.875  9.925   1.00 347.09 ? 7  DG A N7    1 
ATOM 120 C C5    . DG A 1 6  ? 5.730   -5.758  9.674   1.00 347.09 ? 7  DG A C5    1 
ATOM 121 C C6    . DG A 1 6  ? 5.038   -4.944  8.742   1.00 347.09 ? 7  DG A C6    1 
ATOM 122 O O6    . DG A 1 6  ? 5.505   -4.134  7.921   1.00 347.09 ? 7  DG A O6    1 
ATOM 123 N N1    . DG A 1 6  ? 3.664   -5.139  8.824   1.00 347.09 ? 7  DG A N1    1 
ATOM 124 C C2    . DG A 1 6  ? 3.039   -6.003  9.692   1.00 347.09 ? 7  DG A C2    1 
ATOM 125 N N2    . DG A 1 6  ? 1.702   -6.054  9.617   1.00 347.09 ? 7  DG A N2    1 
ATOM 126 N N3    . DG A 1 6  ? 3.676   -6.769  10.568  1.00 347.09 ? 7  DG A N3    1 
ATOM 127 C C4    . DG A 1 6  ? 5.010   -6.593  10.500  1.00 347.09 ? 7  DG A C4    1 
ATOM 128 P P     . DC A 1 7  ? 5.792   -12.438 13.547  1.00 332.26 ? 8  DC A P     1 
ATOM 129 O OP1   . DC A 1 7  ? 5.654   -13.200 14.809  1.00 332.26 ? 8  DC A OP1   1 
ATOM 130 O OP2   . DC A 1 7  ? 6.968   -12.670 12.668  1.00 332.26 ? 8  DC A OP2   1 
ATOM 131 O "O5'" . DC A 1 7  ? 4.466   -12.729 12.704  1.00 332.26 ? 8  DC A "O5'" 1 
ATOM 132 C "C5'" . DC A 1 7  ? 3.290   -13.177 13.361  1.00 332.26 ? 8  DC A "C5'" 1 
ATOM 133 C "C4'" . DC A 1 7  ? 2.094   -12.364 12.909  1.00 332.26 ? 8  DC A "C4'" 1 
ATOM 134 O "O4'" . DC A 1 7  ? 2.536   -11.032 12.548  1.00 332.26 ? 8  DC A "O4'" 1 
ATOM 135 C "C3'" . DC A 1 7  ? 1.375   -12.895 11.674  1.00 332.26 ? 8  DC A "C3'" 1 
ATOM 136 O "O3'" . DC A 1 7  ? 0.365   -13.863 12.065  1.00 332.26 ? 8  DC A "O3'" 1 
ATOM 137 C "C2'" . DC A 1 7  ? 0.739   -11.626 11.094  1.00 332.26 ? 8  DC A "C2'" 1 
ATOM 138 C "C1'" . DC A 1 7  ? 1.712   -10.511 11.522  1.00 332.26 ? 8  DC A "C1'" 1 
ATOM 139 N N1    . DC A 1 7  ? 2.580   -9.995  10.402  1.00 332.26 ? 8  DC A N1    1 
ATOM 140 C C2    . DC A 1 7  ? 2.030   -9.139  9.436   1.00 332.26 ? 8  DC A C2    1 
ATOM 141 O O2    . DC A 1 7  ? 0.830   -8.816  9.524   1.00 332.26 ? 8  DC A O2    1 
ATOM 142 N N3    . DC A 1 7  ? 2.830   -8.687  8.427   1.00 332.26 ? 8  DC A N3    1 
ATOM 143 C C4    . DC A 1 7  ? 4.113   -9.050  8.370   1.00 332.26 ? 8  DC A C4    1 
ATOM 144 N N4    . DC A 1 7  ? 4.860   -8.578  7.363   1.00 332.26 ? 8  DC A N4    1 
ATOM 145 C C5    . DC A 1 7  ? 4.680   -9.923  9.340   1.00 332.26 ? 8  DC A C5    1 
ATOM 146 C C6    . DC A 1 7  ? 3.885   -10.368 10.326  1.00 332.26 ? 8  DC A C6    1 
ATOM 147 P P     . DT A 1 8  ? -0.129  -15.025 11.055  1.00 315.65 ? 9  DT A P     1 
ATOM 148 O OP1   . DT A 1 8  ? 0.423   -16.295 11.578  1.00 315.65 ? 9  DT A OP1   1 
ATOM 149 O OP2   . DT A 1 8  ? 0.255   -14.607 9.690   1.00 315.65 ? 9  DT A OP2   1 
ATOM 150 O "O5'" . DT A 1 8  ? -1.743  -15.043 11.222  1.00 315.65 ? 9  DT A "O5'" 1 
ATOM 151 C "C5'" . DT A 1 8  ? -2.585  -15.826 10.348  1.00 315.65 ? 9  DT A "C5'" 1 
ATOM 152 C "C4'" . DT A 1 8  ? -3.565  -14.921 9.638   1.00 315.65 ? 9  DT A "C4'" 1 
ATOM 153 O "O4'" . DT A 1 8  ? -2.957  -13.626 9.563   1.00 315.65 ? 9  DT A "O4'" 1 
ATOM 154 C "C3'" . DT A 1 8  ? -3.906  -15.325 8.204   1.00 315.65 ? 9  DT A "C3'" 1 
ATOM 155 O "O3'" . DT A 1 8  ? -5.224  -15.984 8.141   1.00 315.65 ? 9  DT A "O3'" 1 
ATOM 156 C "C2'" . DT A 1 8  ? -3.934  -14.005 7.438   1.00 315.65 ? 9  DT A "C2'" 1 
ATOM 157 C "C1'" . DT A 1 8  ? -3.264  -12.990 8.351   1.00 315.65 ? 9  DT A "C1'" 1 
ATOM 158 N N1    . DT A 1 8  ? -1.998  -12.401 7.767   1.00 333.65 ? 9  DT A N1    1 
ATOM 159 C C2    . DT A 1 8  ? -1.902  -11.024 7.558   1.00 333.65 ? 9  DT A C2    1 
ATOM 160 O O2    . DT A 1 8  ? -2.796  -10.225 7.831   1.00 333.65 ? 9  DT A O2    1 
ATOM 161 N N3    . DT A 1 8  ? -0.704  -10.613 7.018   1.00 333.65 ? 9  DT A N3    1 
ATOM 162 C C4    . DT A 1 8  ? 0.381   -11.409 6.667   1.00 333.65 ? 9  DT A C4    1 
ATOM 163 O O4    . DT A 1 8  ? 1.413   -10.939 6.187   1.00 333.65 ? 9  DT A O4    1 
ATOM 164 C C5    . DT A 1 8  ? 0.210   -12.830 6.909   1.00 333.65 ? 9  DT A C5    1 
ATOM 165 C C7    . DT A 1 8  ? 1.319   -13.794 6.588   1.00 333.65 ? 9  DT A C7    1 
ATOM 166 C C6    . DT A 1 8  ? -0.958  -13.248 7.432   1.00 333.65 ? 9  DT A C6    1 
ATOM 167 P P     . DG A 1 9  ? -5.530  -17.198 7.099   1.00 308.21 ? 10 DG A P     1 
ATOM 168 O OP1   . DG A 1 9  ? -5.729  -18.421 7.909   1.00 308.21 ? 10 DG A OP1   1 
ATOM 169 O OP2   . DG A 1 9  ? -4.507  -17.196 6.029   1.00 308.21 ? 10 DG A OP2   1 
ATOM 170 O "O5'" . DG A 1 9  ? -6.967  -16.876 6.441   1.00 308.21 ? 10 DG A "O5'" 1 
ATOM 171 C "C5'" . DG A 1 9  ? -7.261  -15.584 5.917   1.00 308.21 ? 10 DG A "C5'" 1 
ATOM 172 C "C4'" . DG A 1 9  ? -6.498  -15.271 4.625   1.00 308.21 ? 10 DG A "C4'" 1 
ATOM 173 O "O4'" . DG A 1 9  ? -5.163  -14.812 4.905   1.00 308.21 ? 10 DG A "O4'" 1 
ATOM 174 C "C3'" . DG A 1 9  ? -6.346  -16.392 3.583   1.00 308.21 ? 10 DG A "C3'" 1 
ATOM 175 O "O3'" . DG A 1 9  ? -7.349  -16.180 2.551   1.00 308.21 ? 10 DG A "O3'" 1 
ATOM 176 C "C2'" . DG A 1 9  ? -4.894  -16.184 3.049   1.00 308.21 ? 10 DG A "C2'" 1 
ATOM 177 C "C1'" . DG A 1 9  ? -4.472  -14.848 3.700   1.00 308.21 ? 10 DG A "C1'" 1 
ATOM 178 N N9    . DG A 1 9  ? -3.023  -14.665 3.942   1.00 326.21 ? 10 DG A N9    1 
ATOM 179 C C8    . DG A 1 9  ? -2.219  -15.346 4.826   1.00 326.21 ? 10 DG A C8    1 
ATOM 180 N N7    . DG A 1 9  ? -0.971  -14.956 4.800   1.00 326.21 ? 10 DG A N7    1 
ATOM 181 C C5    . DG A 1 9  ? -0.948  -13.944 3.852   1.00 326.21 ? 10 DG A C5    1 
ATOM 182 C C6    . DG A 1 9  ? 0.124   -13.144 3.392   1.00 326.21 ? 10 DG A C6    1 
ATOM 183 O O6    . DG A 1 9  ? 1.304   -13.168 3.734   1.00 326.21 ? 10 DG A O6    1 
ATOM 184 N N1    . DG A 1 9  ? -0.287  -12.241 2.426   1.00 326.21 ? 10 DG A N1    1 
ATOM 185 C C2    . DG A 1 9  ? -1.569  -12.126 1.959   1.00 326.21 ? 10 DG A C2    1 
ATOM 186 N N2    . DG A 1 9  ? -1.778  -11.196 1.022   1.00 326.21 ? 10 DG A N2    1 
ATOM 187 N N3    . DG A 1 9  ? -2.581  -12.867 2.377   1.00 326.21 ? 10 DG A N3    1 
ATOM 188 C C4    . DG A 1 9  ? -2.201  -13.753 3.321   1.00 326.21 ? 10 DG A C4    1 
ATOM 189 P P     . DT A 1 10 ? -7.983  -17.363 1.644   1.00 310.37 ? 11 DT A P     1 
ATOM 190 O OP1   . DT A 1 10 ? -9.291  -17.831 2.188   1.00 310.37 ? 11 DT A OP1   1 
ATOM 191 O OP2   . DT A 1 10 ? -6.901  -18.341 1.389   1.00 310.37 ? 11 DT A OP2   1 
ATOM 192 O "O5'" . DT A 1 10 ? -8.328  -16.588 0.282   1.00 310.37 ? 11 DT A "O5'" 1 
ATOM 193 C "C5'" . DT A 1 10 ? -7.672  -15.330 -0.001  1.00 310.37 ? 11 DT A "C5'" 1 
ATOM 194 C "C4'" . DT A 1 10 ? -6.435  -15.564 -0.843  1.00 310.37 ? 11 DT A "C4'" 1 
ATOM 195 O "O4'" . DT A 1 10 ? -5.233  -15.598 -0.020  1.00 310.37 ? 11 DT A "O4'" 1 
ATOM 196 C "C3'" . DT A 1 10 ? -6.454  -16.905 -1.579  1.00 310.37 ? 11 DT A "C3'" 1 
ATOM 197 O "O3'" . DT A 1 10 ? -6.554  -16.713 -2.957  1.00 310.37 ? 11 DT A "O3'" 1 
ATOM 198 C "C2'" . DT A 1 10 ? -5.126  -17.559 -1.206  1.00 310.37 ? 11 DT A "C2'" 1 
ATOM 199 C "C1'" . DT A 1 10 ? -4.315  -16.376 -0.734  1.00 310.37 ? 11 DT A "C1'" 1 
ATOM 200 N N1    . DT A 1 10 ? -3.161  -16.785 0.105   1.00 328.37 ? 11 DT A N1    1 
ATOM 201 C C2    . DT A 1 10 ? -2.029  -16.009 0.125   1.00 328.37 ? 11 DT A C2    1 
ATOM 202 O O2    . DT A 1 10 ? -1.937  -14.950 -0.453  1.00 328.37 ? 11 DT A O2    1 
ATOM 203 N N3    . DT A 1 10 ? -1.008  -16.509 0.880   1.00 328.37 ? 11 DT A N3    1 
ATOM 204 C C4    . DT A 1 10 ? -0.993  -17.698 1.581   1.00 328.37 ? 11 DT A C4    1 
ATOM 205 O O4    . DT A 1 10 ? -0.018  -18.057 2.234   1.00 328.37 ? 11 DT A O4    1 
ATOM 206 C C5    . DT A 1 10 ? -2.207  -18.483 1.488   1.00 328.37 ? 11 DT A C5    1 
ATOM 207 C C7    . DT A 1 10 ? -2.323  -19.796 2.202   1.00 328.37 ? 11 DT A C7    1 
ATOM 208 C C6    . DT A 1 10 ? -3.209  -18.002 0.749   1.00 328.37 ? 11 DT A C6    1 
ATOM 209 P P     . DG A 1 11 ? -7.186  -17.869 -3.879  1.00 303.32 ? 12 DG A P     1 
ATOM 210 O OP1   . DG A 1 11 ? -8.446  -18.309 -3.217  1.00 303.32 ? 12 DG A OP1   1 
ATOM 211 O OP2   . DG A 1 11 ? -6.121  -18.869 -4.176  1.00 303.32 ? 12 DG A OP2   1 
ATOM 212 O "O5'" . DG A 1 11 ? -7.569  -17.072 -5.225  1.00 303.32 ? 12 DG A "O5'" 1 
ATOM 213 C "C5'" . DG A 1 11 ? -7.252  -15.655 -5.352  1.00 303.32 ? 12 DG A "C5'" 1 
ATOM 214 C "C4'" . DG A 1 11 ? -5.846  -15.440 -5.911  1.00 303.32 ? 12 DG A "C4'" 1 
ATOM 215 O "O4'" . DG A 1 11 ? -4.848  -15.636 -4.863  1.00 303.32 ? 12 DG A "O4'" 1 
ATOM 216 C "C3'" . DG A 1 11 ? -5.444  -16.393 -7.048  1.00 303.32 ? 12 DG A "C3'" 1 
ATOM 217 O "O3'" . DG A 1 11 ? -4.948  -15.655 -8.183  1.00 303.32 ? 12 DG A "O3'" 1 
ATOM 218 C "C2'" . DG A 1 11 ? -4.359  -17.254 -6.397  1.00 303.32 ? 12 DG A "C2'" 1 
ATOM 219 C "C1'" . DG A 1 11 ? -3.737  -16.257 -5.451  1.00 303.32 ? 12 DG A "C1'" 1 
ATOM 220 N N9    . DG A 1 11 ? -2.874  -16.862 -4.422  1.00 321.32 ? 12 DG A N9    1 
ATOM 221 C C8    . DG A 1 11 ? -3.190  -17.909 -3.594  1.00 321.32 ? 12 DG A C8    1 
ATOM 222 N N7    . DG A 1 11 ? -2.221  -18.254 -2.779  1.00 321.32 ? 12 DG A N7    1 
ATOM 223 C C5    . DG A 1 11 ? -1.175  -17.400 -3.104  1.00 321.32 ? 12 DG A C5    1 
ATOM 224 C C6    . DG A 1 11 ? 0.132   -17.314 -2.563  1.00 321.32 ? 12 DG A C6    1 
ATOM 225 O O6    . DG A 1 11 ? 0.633   -17.999 -1.660  1.00 321.32 ? 12 DG A O6    1 
ATOM 226 N N1    . DG A 1 11 ? 0.881   -16.308 -3.179  1.00 321.32 ? 12 DG A N1    1 
ATOM 227 C C2    . DG A 1 11 ? 0.422   -15.491 -4.191  1.00 321.32 ? 12 DG A C2    1 
ATOM 228 N N2    . DG A 1 11 ? 1.290   -14.580 -4.669  1.00 321.32 ? 12 DG A N2    1 
ATOM 229 N N3    . DG A 1 11 ? -0.802  -15.562 -4.705  1.00 321.32 ? 12 DG A N3    1 
ATOM 230 C C4    . DG A 1 11 ? -1.549  -16.538 -4.118  1.00 321.32 ? 12 DG A C4    1 
ATOM 231 P P     . DC B 2 1  ? 12.157  -17.023 -2.635  1.00 283.02 ? 6  DC D P     1 
ATOM 232 O OP1   . DC B 2 1  ? 13.351  -16.377 -3.228  1.00 283.02 ? 6  DC D OP1   1 
ATOM 233 O OP2   . DC B 2 1  ? 12.230  -18.420 -2.128  1.00 283.02 ? 6  DC D OP2   1 
ATOM 234 O "O5'" . DC B 2 1  ? 11.528  -15.978 -1.575  1.00 283.02 ? 6  DC D "O5'" 1 
ATOM 235 C "C5'" . DC B 2 1  ? 10.890  -14.761 -2.038  1.00 283.02 ? 6  DC D "C5'" 1 
ATOM 236 C "C4'" . DC B 2 1  ? 9.943   -15.028 -3.207  1.00 283.02 ? 6  DC D "C4'" 1 
ATOM 237 O "O4'" . DC B 2 1  ? 9.080   -16.139 -2.889  1.00 283.02 ? 6  DC D "O4'" 1 
ATOM 238 C "C3'" . DC B 2 1  ? 8.977   -13.906 -3.529  1.00 283.02 ? 6  DC D "C3'" 1 
ATOM 239 O "O3'" . DC B 2 1  ? 9.592   -12.921 -4.351  1.00 283.02 ? 6  DC D "O3'" 1 
ATOM 240 C "C2'" . DC B 2 1  ? 7.871   -14.643 -4.266  1.00 283.02 ? 6  DC D "C2'" 1 
ATOM 241 C "C1'" . DC B 2 1  ? 7.813   -15.949 -3.488  1.00 283.02 ? 6  DC D "C1'" 1 
ATOM 242 N N1    . DC B 2 1  ? 6.773   -16.000 -2.416  1.00 301.02 ? 6  DC D N1    1 
ATOM 243 C C2    . DC B 2 1  ? 5.551   -16.594 -2.701  1.00 301.02 ? 6  DC D C2    1 
ATOM 244 O O2    . DC B 2 1  ? 5.368   -17.062 -3.832  1.00 301.02 ? 6  DC D O2    1 
ATOM 245 N N3    . DC B 2 1  ? 4.614   -16.684 -1.724  1.00 301.02 ? 6  DC D N3    1 
ATOM 246 C C4    . DC B 2 1  ? 4.858   -16.179 -0.516  1.00 301.02 ? 6  DC D C4    1 
ATOM 247 N N4    . DC B 2 1  ? 3.897   -16.283 0.412   1.00 301.02 ? 6  DC D N4    1 
ATOM 248 C C5    . DC B 2 1  ? 6.102   -15.552 -0.204  1.00 301.02 ? 6  DC D C5    1 
ATOM 249 C C6    . DC B 2 1  ? 7.025   -15.488 -1.173  1.00 301.02 ? 6  DC D C6    1 
ATOM 250 P P     . DA B 2 2  ? 9.503   -11.359 -3.924  1.00 291.29 ? 7  DA D P     1 
ATOM 251 O OP1   . DA B 2 2  ? 10.253  -10.512 -4.889  1.00 291.29 ? 7  DA D OP1   1 
ATOM 252 O OP2   . DA B 2 2  ? 9.908   -11.339 -2.492  1.00 291.29 ? 7  DA D OP2   1 
ATOM 253 O "O5'" . DA B 2 2  ? 7.932   -10.967 -4.061  1.00 291.29 ? 7  DA D "O5'" 1 
ATOM 254 C "C5'" . DA B 2 2  ? 7.518   -9.891  -4.929  1.00 291.29 ? 7  DA D "C5'" 1 
ATOM 255 C "C4'" . DA B 2 2  ? 6.178   -10.199 -5.567  1.00 291.29 ? 7  DA D "C4'" 1 
ATOM 256 O "O4'" . DA B 2 2  ? 5.581   -11.362 -4.930  1.00 291.29 ? 7  DA D "O4'" 1 
ATOM 257 C "C3'" . DA B 2 2  ? 5.163   -9.087  -5.444  1.00 291.29 ? 7  DA D "C3'" 1 
ATOM 258 O "O3'" . DA B 2 2  ? 4.391   -8.990  -6.625  1.00 291.29 ? 7  DA D "O3'" 1 
ATOM 259 C "C2'" . DA B 2 2  ? 4.317   -9.495  -4.235  1.00 291.29 ? 7  DA D "C2'" 1 
ATOM 260 C "C1'" . DA B 2 2  ? 4.401   -11.014 -4.236  1.00 291.29 ? 7  DA D "C1'" 1 
ATOM 261 N N9    . DA B 2 2  ? 4.477   -11.560 -2.885  1.00 309.29 ? 7  DA D N9    1 
ATOM 262 C C8    . DA B 2 2  ? 5.480   -11.353 -1.994  1.00 309.29 ? 7  DA D C8    1 
ATOM 263 N N7    . DA B 2 2  ? 5.300   -11.944 -0.839  1.00 309.29 ? 7  DA D N7    1 
ATOM 264 C C5    . DA B 2 2  ? 4.078   -12.579 -0.974  1.00 309.29 ? 7  DA D C5    1 
ATOM 265 C C6    . DA B 2 2  ? 3.316   -13.380 -0.089  1.00 309.29 ? 7  DA D C6    1 
ATOM 266 N N6    . DA B 2 2  ? 3.696   -13.686 1.155   1.00 309.29 ? 7  DA D N6    1 
ATOM 267 N N1    . DA B 2 2  ? 2.143   -13.858 -0.541  1.00 309.29 ? 7  DA D N1    1 
ATOM 268 C C2    . DA B 2 2  ? 1.758   -13.549 -1.781  1.00 309.29 ? 7  DA D C2    1 
ATOM 269 N N3    . DA B 2 2  ? 2.385   -12.810 -2.702  1.00 309.29 ? 7  DA D N3    1 
ATOM 270 C C4    . DA B 2 2  ? 3.551   -12.346 -2.229  1.00 309.29 ? 7  DA D C4    1 
ATOM 271 P P     . DC B 2 3  ? 3.486   -7.683  -6.886  1.00 290.04 ? 8  DC D P     1 
ATOM 272 O OP1   . DC B 2 3  ? 3.005   -7.719  -8.286  1.00 290.04 ? 8  DC D OP1   1 
ATOM 273 O OP2   . DC B 2 3  ? 4.280   -6.520  -6.404  1.00 290.04 ? 8  DC D OP2   1 
ATOM 274 O "O5'" . DC B 2 3  ? 2.212   -7.894  -5.936  1.00 290.04 ? 8  DC D "O5'" 1 
ATOM 275 C "C5'" . DC B 2 3  ? 0.944   -7.408  -6.323  1.00 290.04 ? 8  DC D "C5'" 1 
ATOM 276 C "C4'" . DC B 2 3  ? -0.076  -7.770  -5.271  1.00 290.04 ? 8  DC D "C4'" 1 
ATOM 277 O "O4'" . DC B 2 3  ? 0.572   -8.579  -4.255  1.00 290.04 ? 8  DC D "O4'" 1 
ATOM 278 C "C3'" . DC B 2 3  ? -0.696  -6.569  -4.513  1.00 290.04 ? 8  DC D "C3'" 1 
ATOM 279 O "O3'" . DC B 2 3  ? -2.149  -6.470  -4.734  1.00 290.04 ? 8  DC D "O3'" 1 
ATOM 280 C "C2'" . DC B 2 3  ? -0.377  -6.867  -3.048  1.00 290.04 ? 8  DC D "C2'" 1 
ATOM 281 C "C1'" . DC B 2 3  ? -0.130  -8.363  -3.075  1.00 290.04 ? 8  DC D "C1'" 1 
ATOM 282 N N1    . DC B 2 3  ? 0.637   -8.816  -1.915  1.00 290.04 ? 8  DC D N1    1 
ATOM 283 C C2    . DC B 2 3  ? 0.013   -9.637  -0.983  1.00 290.04 ? 8  DC D C2    1 
ATOM 284 O O2    . DC B 2 3  ? -1.142  -10.013 -1.207  1.00 290.04 ? 8  DC D O2    1 
ATOM 285 N N3    . DC B 2 3  ? 0.689   -10.020 0.125   1.00 290.04 ? 8  DC D N3    1 
ATOM 286 C C4    . DC B 2 3  ? 1.928   -9.588  0.325   1.00 290.04 ? 8  DC D C4    1 
ATOM 287 N N4    . DC B 2 3  ? 2.556   -9.991  1.434   1.00 290.04 ? 8  DC D N4    1 
ATOM 288 C C5    . DC B 2 3  ? 2.578   -8.720  -0.607  1.00 290.04 ? 8  DC D C5    1 
ATOM 289 C C6    . DC B 2 3  ? 1.894   -8.352  -1.698  1.00 290.04 ? 8  DC D C6    1 
ATOM 290 P P     . DA B 2 4  ? -2.992  -5.181  -4.236  1.00 273.39 ? 9  DA D P     1 
ATOM 291 O OP1   . DA B 2 4  ? -4.273  -5.121  -4.976  1.00 273.39 ? 9  DA D OP1   1 
ATOM 292 O OP2   . DA B 2 4  ? -2.042  -4.058  -4.288  1.00 273.39 ? 9  DA D OP2   1 
ATOM 293 O "O5'" . DA B 2 4  ? -3.335  -5.458  -2.698  1.00 273.39 ? 9  DA D "O5'" 1 
ATOM 294 C "C5'" . DA B 2 4  ? -4.674  -5.732  -2.324  1.00 273.39 ? 9  DA D "C5'" 1 
ATOM 295 C "C4'" . DA B 2 4  ? -4.854  -5.605  -0.827  1.00 273.39 ? 9  DA D "C4'" 1 
ATOM 296 O "O4'" . DA B 2 4  ? -3.800  -6.326  -0.178  1.00 273.39 ? 9  DA D "O4'" 1 
ATOM 297 C "C3'" . DA B 2 4  ? -4.718  -4.194  -0.291  1.00 273.39 ? 9  DA D "C3'" 1 
ATOM 298 O "O3'" . DA B 2 4  ? -6.011  -3.425  -0.355  1.00 273.39 ? 9  DA D "O3'" 1 
ATOM 299 C "C2'" . DA B 2 4  ? -4.170  -4.387  1.133   1.00 273.39 ? 9  DA D "C2'" 1 
ATOM 300 C "C1'" . DA B 2 4  ? -3.609  -5.811  1.119   1.00 273.39 ? 9  DA D "C1'" 1 
ATOM 301 N N9    . DA B 2 4  ? -2.188  -5.927  1.429   1.00 291.39 ? 9  DA D N9    1 
ATOM 302 C C8    . DA B 2 4  ? -1.142  -5.433  0.700   1.00 291.39 ? 9  DA D C8    1 
ATOM 303 N N7    . DA B 2 4  ? 0.044   -5.728  1.197   1.00 291.39 ? 9  DA D N7    1 
ATOM 304 C C5    . DA B 2 4  ? -0.250  -6.492  2.325   1.00 291.39 ? 9  DA D C5    1 
ATOM 305 C C6    . DA B 2 4  ? 0.567   -7.124  3.294   1.00 291.39 ? 9  DA D C6    1 
ATOM 306 N N6    . DA B 2 4  ? 1.902   -7.081  3.287   1.00 291.39 ? 9  DA D N6    1 
ATOM 307 N N1    . DA B 2 4  ? -0.059  -7.808  4.284   1.00 291.39 ? 9  DA D N1    1 
ATOM 308 C C2    . DA B 2 4  ? -1.400  -7.851  4.298   1.00 291.39 ? 9  DA D C2    1 
ATOM 309 N N3    . DA B 2 4  ? -2.266  -7.297  3.450   1.00 291.39 ? 9  DA D N3    1 
ATOM 310 C C4    . DA B 2 4  ? -1.621  -6.639  2.464   1.00 291.39 ? 9  DA D C4    1 
ATOM 311 P P     . DC B 2 5  ? -7.389  -3.888  0.357   1.00 276.85 ? 10 DC D P     1 
ATOM 312 O OP1   . DC B 2 5  ? -7.183  -4.919  1.415   1.00 276.85 ? 10 DC D OP1   1 
ATOM 313 O OP2   . DC B 2 5  ? -8.339  -4.128  -0.753  1.00 276.85 ? 10 DC D OP2   1 
ATOM 314 O "O5'" . DC B 2 5  ? -7.917  -2.542  1.038   1.00 276.85 ? 10 DC D "O5'" 1 
ATOM 315 C "C5'" . DC B 2 5  ? -6.995  -1.535  1.421   1.00 276.85 ? 10 DC D "C5'" 1 
ATOM 316 C "C4'" . DC B 2 5  ? -7.293  -0.225  0.717   1.00 276.85 ? 10 DC D "C4'" 1 
ATOM 317 O "O4'" . DC B 2 5  ? -6.743  -0.230  -0.613  1.00 276.85 ? 10 DC D "O4'" 1 
ATOM 318 C "C3'" . DC B 2 5  ? -8.780  0.092   0.530   1.00 276.85 ? 10 DC D "C3'" 1 
ATOM 319 O "O3'" . DC B 2 5  ? -9.174  1.128   1.423   1.00 276.85 ? 10 DC D "O3'" 1 
ATOM 320 C "C2'" . DC B 2 5  ? -8.892  0.543   -0.946  1.00 276.85 ? 10 DC D "C2'" 1 
ATOM 321 C "C1'" . DC B 2 5  ? -7.442  0.753   -1.327  1.00 276.85 ? 10 DC D "C1'" 1 
ATOM 322 N N1    . DC B 2 5  ? -7.148  0.605   -2.765  1.00 294.85 ? 10 DC D N1    1 
ATOM 323 C C2    . DC B 2 5  ? -7.463  1.644   -3.667  1.00 294.85 ? 10 DC D C2    1 
ATOM 324 O O2    . DC B 2 5  ? -8.021  2.675   -3.252  1.00 294.85 ? 10 DC D O2    1 
ATOM 325 N N3    . DC B 2 5  ? -7.151  1.480   -4.972  1.00 294.85 ? 10 DC D N3    1 
ATOM 326 C C4    . DC B 2 5  ? -6.555  0.351   -5.377  1.00 294.85 ? 10 DC D C4    1 
ATOM 327 N N4    . DC B 2 5  ? -6.261  0.227   -6.669  1.00 294.85 ? 10 DC D N4    1 
ATOM 328 C C5    . DC B 2 5  ? -6.226  -0.700  -4.476  1.00 294.85 ? 10 DC D C5    1 
ATOM 329 C C6    . DC B 2 5  ? -6.534  -0.532  -3.196  1.00 294.85 ? 10 DC D C6    1 
ATOM 330 P P     . DC B 2 6  ? -10.554 1.015   2.251   1.00 290.97 ? 11 DC D P     1 
ATOM 331 O OP1   . DC B 2 6  ? -10.295 1.745   3.520   1.00 290.97 ? 11 DC D OP1   1 
ATOM 332 O OP2   . DC B 2 6  ? -11.023 -0.397  2.298   1.00 290.97 ? 11 DC D OP2   1 
ATOM 333 O "O5'" . DC B 2 6  ? -11.629 1.823   1.369   1.00 290.97 ? 11 DC D "O5'" 1 
ATOM 334 C "C5'" . DC B 2 6  ? -11.220 2.714   0.320   1.00 290.97 ? 11 DC D "C5'" 1 
ATOM 335 C "C4'" . DC B 2 6  ? -12.213 2.622   -0.800  1.00 290.97 ? 11 DC D "C4'" 1 
ATOM 336 O "O4'" . DC B 2 6  ? -11.761 1.621   -1.760  1.00 290.97 ? 11 DC D "O4'" 1 
ATOM 337 C "C3'" . DC B 2 6  ? -13.593 2.150   -0.316  1.00 290.97 ? 11 DC D "C3'" 1 
ATOM 338 O "O3'" . DC B 2 6  ? -14.662 2.875   -0.982  1.00 290.97 ? 11 DC D "O3'" 1 
ATOM 339 C "C2'" . DC B 2 6  ? -13.586 0.671   -0.685  1.00 290.97 ? 11 DC D "C2'" 1 
ATOM 340 C "C1'" . DC B 2 6  ? -12.820 0.721   -1.990  1.00 290.97 ? 11 DC D "C1'" 1 
ATOM 341 N N1    . DC B 2 6  ? -12.303 -0.610  -2.437  1.00 290.97 ? 11 DC D N1    1 
ATOM 342 C C2    . DC B 2 6  ? -11.750 -0.755  -3.721  1.00 290.97 ? 11 DC D C2    1 
ATOM 343 O O2    . DC B 2 6  ? -11.665 0.242   -4.465  1.00 290.97 ? 11 DC D O2    1 
ATOM 344 N N3    . DC B 2 6  ? -11.302 -1.991  -4.107  1.00 290.97 ? 11 DC D N3    1 
ATOM 345 C C4    . DC B 2 6  ? -11.406 -3.047  -3.271  1.00 290.97 ? 11 DC D C4    1 
ATOM 346 N N4    . DC B 2 6  ? -10.951 -4.240  -3.696  1.00 290.97 ? 11 DC D N4    1 
ATOM 347 C C5    . DC B 2 6  ? -11.983 -2.916  -1.967  1.00 290.97 ? 11 DC D C5    1 
ATOM 348 C C6    . DC B 2 6  ? -12.420 -1.697  -1.601  1.00 290.97 ? 11 DC D C6    1 
ATOM 349 P P     . DG B 2 7  ? -16.187 2.804   -0.446  1.00 290.23 ? 12 DG D P     1 
ATOM 350 O OP1   . DG B 2 7  ? -16.220 3.349   0.932   1.00 290.23 ? 12 DG D OP1   1 
ATOM 351 O OP2   . DG B 2 7  ? -16.754 1.466   -0.740  1.00 290.23 ? 12 DG D OP2   1 
ATOM 352 O "O5'" . DG B 2 7  ? -16.948 3.819   -1.396  1.00 290.23 ? 12 DG D "O5'" 1 
ATOM 353 C "C5'" . DG B 2 7  ? -16.253 4.906   -1.954  1.00 290.23 ? 12 DG D "C5'" 1 
ATOM 354 C "C4'" . DG B 2 7  ? -16.664 5.083   -3.396  1.00 290.23 ? 12 DG D "C4'" 1 
ATOM 355 O "O4'" . DG B 2 7  ? -15.779 4.328   -4.251  1.00 290.23 ? 12 DG D "O4'" 1 
ATOM 356 C "C3'" . DG B 2 7  ? -18.074 4.589   -3.739  1.00 290.23 ? 12 DG D "C3'" 1 
ATOM 357 O "O3'" . DG B 2 7  ? -18.628 5.462   -4.771  1.00 290.23 ? 12 DG D "O3'" 1 
ATOM 358 C "C2'" . DG B 2 7  ? -17.803 3.170   -4.228  1.00 290.23 ? 12 DG D "C2'" 1 
ATOM 359 C "C1'" . DG B 2 7  ? -16.534 3.411   -5.009  1.00 290.23 ? 12 DG D "C1'" 1 
ATOM 360 N N9    . DG B 2 7  ? -15.713 2.243   -5.212  1.00 290.23 ? 12 DG D N9    1 
ATOM 361 C C8    . DG B 2 7  ? -15.107 1.483   -4.250  1.00 290.23 ? 12 DG D C8    1 
ATOM 362 N N7    . DG B 2 7  ? -14.383 0.511   -4.735  1.00 290.23 ? 12 DG D N7    1 
ATOM 363 C C5    . DG B 2 7  ? -14.506 0.651   -6.108  1.00 290.23 ? 12 DG D C5    1 
ATOM 364 C C6    . DG B 2 7  ? -13.945 -0.116  -7.158  1.00 290.23 ? 12 DG D C6    1 
ATOM 365 O O6    . DG B 2 7  ? -13.189 -1.101  -7.069  1.00 290.23 ? 12 DG D O6    1 
ATOM 366 N N1    . DG B 2 7  ? -14.334 0.370   -8.419  1.00 290.23 ? 12 DG D N1    1 
ATOM 367 C C2    . DG B 2 7  ? -15.166 1.460   -8.634  1.00 290.23 ? 12 DG D C2    1 
ATOM 368 N N2    . DG B 2 7  ? -15.430 1.777   -9.919  1.00 290.23 ? 12 DG D N2    1 
ATOM 369 N N3    . DG B 2 7  ? -15.696 2.184   -7.652  1.00 290.23 ? 12 DG D N3    1 
ATOM 370 C C4    . DG B 2 7  ? -15.324 1.724   -6.423  1.00 290.23 ? 12 DG D C4    1 
ATOM 371 P P     . DT B 2 8  ? -19.778 5.000   -5.796  1.00 278.89 ? 13 DT D P     1 
ATOM 372 O OP1   . DT B 2 8  ? -20.295 6.241   -6.432  1.00 278.89 ? 13 DT D OP1   1 
ATOM 373 O OP2   . DT B 2 8  ? -20.700 4.120   -5.041  1.00 278.89 ? 13 DT D OP2   1 
ATOM 374 O "O5'" . DT B 2 8  ? -18.957 4.185   -6.910  1.00 278.89 ? 13 DT D "O5'" 1 
ATOM 375 C "C5'" . DT B 2 8  ? -19.438 4.067   -8.218  1.00 278.89 ? 13 DT D "C5'" 1 
ATOM 376 C "C4'" . DT B 2 8  ? -19.975 2.671   -8.449  1.00 278.89 ? 13 DT D "C4'" 1 
ATOM 377 O "O4'" . DT B 2 8  ? -18.959 1.695   -8.119  1.00 278.89 ? 13 DT D "O4'" 1 
ATOM 378 C "C3'" . DT B 2 8  ? -21.189 2.319   -7.592  1.00 278.89 ? 13 DT D "C3'" 1 
ATOM 379 O "O3'" . DT B 2 8  ? -22.351 2.235   -8.409  1.00 278.89 ? 13 DT D "O3'" 1 
ATOM 380 C "C2'" . DT B 2 8  ? -20.837 0.967   -6.923  1.00 278.89 ? 13 DT D "C2'" 1 
ATOM 381 C "C1'" . DT B 2 8  ? -19.596 0.510   -7.681  1.00 278.89 ? 13 DT D "C1'" 1 
ATOM 382 N N1    . DT B 2 8  ? -18.594 -0.345  -6.858  1.00 296.89 ? 13 DT D N1    1 
ATOM 383 C C2    . DT B 2 8  ? -17.590 -0.999  -7.523  1.00 296.89 ? 13 DT D C2    1 
ATOM 384 O O2    . DT B 2 8  ? -17.444 -0.930  -8.723  1.00 296.89 ? 13 DT D O2    1 
ATOM 385 N N3    . DT B 2 8  ? -16.737 -1.727  -6.724  1.00 296.89 ? 13 DT D N3    1 
ATOM 386 C C4    . DT B 2 8  ? -16.788 -1.865  -5.345  1.00 296.89 ? 13 DT D C4    1 
ATOM 387 O O4    . DT B 2 8  ? -15.985 -2.535  -4.714  1.00 296.89 ? 13 DT D O4    1 
ATOM 388 C C5    . DT B 2 8  ? -17.849 -1.168  -4.696  1.00 296.89 ? 13 DT D C5    1 
ATOM 389 C C7    . DT B 2 8  ? -17.976 -1.263  -3.200  1.00 296.89 ? 13 DT D C7    1 
ATOM 390 C C6    . DT B 2 8  ? -18.705 -0.442  -5.468  1.00 296.89 ? 13 DT D C6    1 
ATOM 391 O "O5'" . DT C 3 1  ? 13.000  23.449  -1.702  1.00 370.47 ? 1  DT B "O5'" 1 
ATOM 392 C "C5'" . DT C 3 1  ? 11.820  22.968  -2.343  1.00 370.47 ? 1  DT B "C5'" 1 
ATOM 393 C "C4'" . DT C 3 1  ? 12.062  22.766  -3.830  1.00 370.47 ? 1  DT B "C4'" 1 
ATOM 394 O "O4'" . DT C 3 1  ? 13.291  22.012  -4.022  1.00 370.47 ? 1  DT B "O4'" 1 
ATOM 395 C "C3'" . DT C 3 1  ? 10.957  21.997  -4.577  1.00 370.47 ? 1  DT B "C3'" 1 
ATOM 396 O "O3'" . DT C 3 1  ? 10.596  22.692  -5.794  1.00 370.47 ? 1  DT B "O3'" 1 
ATOM 397 C "C2'" . DT C 3 1  ? 11.605  20.637  -4.869  1.00 370.47 ? 1  DT B "C2'" 1 
ATOM 398 C "C1'" . DT C 3 1  ? 13.077  21.011  -4.987  1.00 370.47 ? 1  DT B "C1'" 1 
ATOM 399 N N1    . DT C 3 1  ? 14.015  19.863  -4.729  1.00 370.47 ? 1  DT B N1    1 
ATOM 400 C C2    . DT C 3 1  ? 15.015  19.596  -5.640  1.00 370.47 ? 1  DT B C2    1 
ATOM 401 O O2    . DT C 3 1  ? 15.190  20.256  -6.653  1.00 370.47 ? 1  DT B O2    1 
ATOM 402 N N3    . DT C 3 1  ? 15.814  18.525  -5.318  1.00 370.47 ? 1  DT B N3    1 
ATOM 403 C C4    . DT C 3 1  ? 15.714  17.708  -4.204  1.00 370.47 ? 1  DT B C4    1 
ATOM 404 O O4    . DT C 3 1  ? 16.472  16.764  -4.017  1.00 370.47 ? 1  DT B O4    1 
ATOM 405 C C5    . DT C 3 1  ? 14.640  18.038  -3.290  1.00 370.47 ? 1  DT B C5    1 
ATOM 406 C C7    . DT C 3 1  ? 14.429  17.223  -2.045  1.00 370.47 ? 1  DT B C7    1 
ATOM 407 C C6    . DT C 3 1  ? 13.850  19.085  -3.595  1.00 370.47 ? 1  DT B C6    1 
ATOM 408 P P     . DC C 3 2  ? 9.202   22.393  -6.552  1.00 362.36 ? 2  DC B P     1 
ATOM 409 O OP1   . DC C 3 2  ? 8.246   23.445  -6.129  1.00 362.36 ? 2  DC B OP1   1 
ATOM 410 O OP2   . DC C 3 2  ? 8.856   20.963  -6.369  1.00 362.36 ? 2  DC B OP2   1 
ATOM 411 O "O5'" . DC C 3 2  ? 9.552   22.621  -8.105  1.00 362.36 ? 2  DC B "O5'" 1 
ATOM 412 C "C5'" . DC C 3 2  ? 8.723   22.058  -9.125  1.00 362.36 ? 2  DC B "C5'" 1 
ATOM 413 C "C4'" . DC C 3 2  ? 9.368   20.824  -9.740  1.00 362.36 ? 2  DC B "C4'" 1 
ATOM 414 O "O4'" . DC C 3 2  ? 10.171  20.138  -8.744  1.00 362.36 ? 2  DC B "O4'" 1 
ATOM 415 C "C3'" . DC C 3 2  ? 8.379   19.775  -10.286 1.00 362.36 ? 2  DC B "C3'" 1 
ATOM 416 O "O3'" . DC C 3 2  ? 8.490   19.655  -11.734 1.00 362.36 ? 2  DC B "O3'" 1 
ATOM 417 C "C2'" . DC C 3 2  ? 8.779   18.472  -9.572  1.00 362.36 ? 2  DC B "C2'" 1 
ATOM 418 C "C1'" . DC C 3 2  ? 10.183  18.776  -9.068  1.00 362.36 ? 2  DC B "C1'" 1 
ATOM 419 N N1    . DC C 3 2  ? 10.570  17.959  -7.859  1.00 362.36 ? 2  DC B N1    1 
ATOM 420 C C2    . DC C 3 2  ? 11.875  17.465  -7.743  1.00 362.36 ? 2  DC B C2    1 
ATOM 421 O O2    . DC C 3 2  ? 12.702  17.742  -8.619  1.00 362.36 ? 2  DC B O2    1 
ATOM 422 N N3    . DC C 3 2  ? 12.198  16.709  -6.659  1.00 362.36 ? 2  DC B N3    1 
ATOM 423 C C4    . DC C 3 2  ? 11.276  16.433  -5.735  1.00 362.36 ? 2  DC B C4    1 
ATOM 424 N N4    . DC C 3 2  ? 11.638  15.686  -4.688  1.00 362.36 ? 2  DC B N4    1 
ATOM 425 C C5    . DC C 3 2  ? 9.941   16.915  -5.846  1.00 362.36 ? 2  DC B C5    1 
ATOM 426 C C6    . DC C 3 2  ? 9.632   17.658  -6.915  1.00 362.36 ? 2  DC B C6    1 
ATOM 427 P P     . DT C 3 3  ? 7.249   19.138  -12.641 1.00 354.22 ? 3  DT B P     1 
ATOM 428 O OP1   . DT C 3 3  ? 7.714   19.075  -14.047 1.00 354.22 ? 3  DT B OP1   1 
ATOM 429 O OP2   . DT C 3 3  ? 6.054   19.969  -12.329 1.00 354.22 ? 3  DT B OP2   1 
ATOM 430 O "O5'" . DT C 3 3  ? 6.987   17.626  -12.152 1.00 354.22 ? 3  DT B "O5'" 1 
ATOM 431 C "C5'" . DT C 3 3  ? 6.667   16.597  -13.105 1.00 354.22 ? 3  DT B "C5'" 1 
ATOM 432 C "C4'" . DT C 3 3  ? 7.925   15.858  -13.527 1.00 354.22 ? 3  DT B "C4'" 1 
ATOM 433 O "O4'" . DT C 3 3  ? 8.849   15.834  -12.415 1.00 354.22 ? 3  DT B "O4'" 1 
ATOM 434 C "C3'" . DT C 3 3  ? 7.709   14.417  -13.981 1.00 354.22 ? 3  DT B "C3'" 1 
ATOM 435 O "O3'" . DT C 3 3  ? 7.834   14.336  -15.428 1.00 354.22 ? 3  DT B "O3'" 1 
ATOM 436 C "C2'" . DT C 3 3  ? 8.810   13.609  -13.268 1.00 354.22 ? 3  DT B "C2'" 1 
ATOM 437 C "C1'" . DT C 3 3  ? 9.359   14.541  -12.191 1.00 354.22 ? 3  DT B "C1'" 1 
ATOM 438 N N1    . DT C 3 3  ? 9.011   14.147  -10.799 1.00 354.22 ? 3  DT B N1    1 
ATOM 439 C C2    . DT C 3 3  ? 9.637   13.065  -10.209 1.00 354.22 ? 3  DT B C2    1 
ATOM 440 O O2    . DT C 3 3  ? 10.474  12.373  -10.775 1.00 354.22 ? 3  DT B O2    1 
ATOM 441 N N3    . DT C 3 3  ? 9.240   12.813  -8.921  1.00 354.22 ? 3  DT B N3    1 
ATOM 442 C C4    . DT C 3 3  ? 8.308   13.521  -8.181  1.00 354.22 ? 3  DT B C4    1 
ATOM 443 O O4    . DT C 3 3  ? 8.021   13.216  -7.028  1.00 354.22 ? 3  DT B O4    1 
ATOM 444 C C5    . DT C 3 3  ? 7.701   14.643  -8.860  1.00 354.22 ? 3  DT B C5    1 
ATOM 445 C C7    . DT C 3 3  ? 6.677   15.487  -8.163  1.00 354.22 ? 3  DT B C7    1 
ATOM 446 C C6    . DT C 3 3  ? 8.079   14.898  -10.115 1.00 354.22 ? 3  DT B C6    1 
ATOM 447 P P     . DG C 3 4  ? 7.239   13.079  -16.244 1.00 334.32 ? 4  DG B P     1 
ATOM 448 O OP1   . DG C 3 4  ? 8.102   12.798  -17.419 1.00 334.32 ? 4  DG B OP1   1 
ATOM 449 O OP2   . DG C 3 4  ? 5.790   13.319  -16.438 1.00 334.32 ? 4  DG B OP2   1 
ATOM 450 O "O5'" . DG C 3 4  ? 7.347   11.883  -15.199 1.00 334.32 ? 4  DG B "O5'" 1 
ATOM 451 C "C5'" . DG C 3 4  ? 8.252   10.819  -15.397 1.00 334.32 ? 4  DG B "C5'" 1 
ATOM 452 C "C4'" . DG C 3 4  ? 7.655   9.563   -14.821 1.00 334.32 ? 4  DG B "C4'" 1 
ATOM 453 O "O4'" . DG C 3 4  ? 7.566   9.708   -13.374 1.00 334.32 ? 4  DG B "O4'" 1 
ATOM 454 C "C3'" . DG C 3 4  ? 6.220   9.291   -15.303 1.00 334.32 ? 4  DG B "C3'" 1 
ATOM 455 O "O3'" . DG C 3 4  ? 6.005   7.897   -15.463 1.00 334.32 ? 4  DG B "O3'" 1 
ATOM 456 C "C2'" . DG C 3 4  ? 5.383   9.830   -14.147 1.00 334.32 ? 4  DG B "C2'" 1 
ATOM 457 C "C1'" . DG C 3 4  ? 6.253   9.394   -12.985 1.00 334.32 ? 4  DG B "C1'" 1 
ATOM 458 N N9    . DG C 3 4  ? 5.936   10.029  -11.715 1.00 334.32 ? 4  DG B N9    1 
ATOM 459 C C8    . DG C 3 4  ? 4.845   10.819  -11.438 1.00 334.32 ? 4  DG B C8    1 
ATOM 460 N N7    . DG C 3 4  ? 4.796   11.214  -10.198 1.00 334.32 ? 4  DG B N7    1 
ATOM 461 C C5    . DG C 3 4  ? 5.919   10.638  -9.611  1.00 334.32 ? 4  DG B C5    1 
ATOM 462 C C6    . DG C 3 4  ? 6.389   10.713  -8.281  1.00 334.32 ? 4  DG B C6    1 
ATOM 463 O O6    . DG C 3 4  ? 5.891   11.324  -7.329  1.00 334.32 ? 4  DG B O6    1 
ATOM 464 N N1    . DG C 3 4  ? 7.564   9.982   -8.100  1.00 334.32 ? 4  DG B N1    1 
ATOM 465 C C2    . DG C 3 4  ? 8.203   9.269   -9.086  1.00 334.32 ? 4  DG B C2    1 
ATOM 466 N N2    . DG C 3 4  ? 9.325   8.624   -8.723  1.00 334.32 ? 4  DG B N2    1 
ATOM 467 N N3    . DG C 3 4  ? 7.771   9.191   -10.340 1.00 334.32 ? 4  DG B N3    1 
ATOM 468 C C4    . DG C 3 4  ? 6.626   9.900   -10.529 1.00 334.32 ? 4  DG B C4    1 
ATOM 469 P P     . DA C 3 5  ? 6.508   7.107   -16.770 1.00 320.59 ? 5  DA B P     1 
ATOM 470 O OP1   . DA C 3 5  ? 7.557   7.891   -17.473 1.00 320.59 ? 5  DA B OP1   1 
ATOM 471 O OP2   . DA C 3 5  ? 5.275   6.680   -17.490 1.00 320.59 ? 5  DA B OP2   1 
ATOM 472 O "O5'" . DA C 3 5  ? 7.210   5.828   -16.122 1.00 320.59 ? 5  DA B "O5'" 1 
ATOM 473 C "C5'" . DA C 3 5  ? 8.186   6.020   -15.105 1.00 320.59 ? 5  DA B "C5'" 1 
ATOM 474 C "C4'" . DA C 3 5  ? 7.829   5.274   -13.825 1.00 320.59 ? 5  DA B "C4'" 1 
ATOM 475 O "O4'" . DA C 3 5  ? 7.049   6.106   -12.938 1.00 320.59 ? 5  DA B "O4'" 1 
ATOM 476 C "C3'" . DA C 3 5  ? 7.031   3.980   -13.996 1.00 320.59 ? 5  DA B "C3'" 1 
ATOM 477 O "O3'" . DA C 3 5  ? 7.792   2.922   -13.469 1.00 320.59 ? 5  DA B "O3'" 1 
ATOM 478 C "C2'" . DA C 3 5  ? 5.755   4.222   -13.173 1.00 320.59 ? 5  DA B "C2'" 1 
ATOM 479 C "C1'" . DA C 3 5  ? 6.230   5.257   -12.180 1.00 320.59 ? 5  DA B "C1'" 1 
ATOM 480 N N9    . DA C 3 5  ? 5.154   6.039   -11.579 1.00 320.59 ? 5  DA B N9    1 
ATOM 481 C C8    . DA C 3 5  ? 3.972   6.407   -12.163 1.00 320.59 ? 5  DA B C8    1 
ATOM 482 N N7    . DA C 3 5  ? 3.190   7.119   -11.380 1.00 320.59 ? 5  DA B N7    1 
ATOM 483 C C5    . DA C 3 5  ? 3.909   7.217   -10.192 1.00 320.59 ? 5  DA B C5    1 
ATOM 484 C C6    . DA C 3 5  ? 3.632   7.845   -8.951  1.00 320.59 ? 5  DA B C6    1 
ATOM 485 N N6    . DA C 3 5  ? 2.517   8.517   -8.696  1.00 320.59 ? 5  DA B N6    1 
ATOM 486 N N1    . DA C 3 5  ? 4.563   7.751   -7.980  1.00 320.59 ? 5  DA B N1    1 
ATOM 487 C C2    . DA C 3 5  ? 5.689   7.075   -8.232  1.00 320.59 ? 5  DA B C2    1 
ATOM 488 N N3    . DA C 3 5  ? 6.060   6.444   -9.350  1.00 320.59 ? 5  DA B N3    1 
ATOM 489 C C4    . DA C 3 5  ? 5.116   6.555   -10.300 1.00 320.59 ? 5  DA B C4    1 
ATOM 490 P P     . DT C 3 6  ? 7.120   1.527   -13.049 1.00 310.46 ? 6  DT B P     1 
ATOM 491 O OP1   . DT C 3 6  ? 8.198   0.514   -13.026 1.00 310.46 ? 6  DT B OP1   1 
ATOM 492 O OP2   . DT C 3 6  ? 5.922   1.272   -13.881 1.00 310.46 ? 6  DT B OP2   1 
ATOM 493 O "O5'" . DT C 3 6  ? 6.664   1.739   -11.535 1.00 310.46 ? 6  DT B "O5'" 1 
ATOM 494 C "C5'" . DT C 3 6  ? 5.883   0.746   -10.941 1.00 310.46 ? 6  DT B "C5'" 1 
ATOM 495 C "C4'" . DT C 3 6  ? 6.274   0.504   -9.508  1.00 310.46 ? 6  DT B "C4'" 1 
ATOM 496 O "O4'" . DT C 3 6  ? 6.005   1.705   -8.758  1.00 310.46 ? 6  DT B "O4'" 1 
ATOM 497 C "C3'" . DT C 3 6  ? 5.424   -0.572  -8.861  1.00 310.46 ? 6  DT B "C3'" 1 
ATOM 498 O "O3'" . DT C 3 6  ? 6.084   -1.207  -7.763  1.00 310.46 ? 6  DT B "O3'" 1 
ATOM 499 C "C2'" . DT C 3 6  ? 4.187   0.206   -8.423  1.00 310.46 ? 6  DT B "C2'" 1 
ATOM 500 C "C1'" . DT C 3 6  ? 4.728   1.610   -8.163  1.00 310.46 ? 6  DT B "C1'" 1 
ATOM 501 N N1    . DT C 3 6  ? 3.820   2.689   -8.699  1.00 310.46 ? 6  DT B N1    1 
ATOM 502 C C2    . DT C 3 6  ? 3.711   3.860   -8.001  1.00 310.46 ? 6  DT B C2    1 
ATOM 503 O O2    . DT C 3 6  ? 4.337   4.076   -6.981  1.00 310.46 ? 6  DT B O2    1 
ATOM 504 N N3    . DT C 3 6  ? 2.824   4.778   -8.538  1.00 310.46 ? 6  DT B N3    1 
ATOM 505 C C4    . DT C 3 6  ? 2.045   4.636   -9.691  1.00 310.46 ? 6  DT B C4    1 
ATOM 506 O O4    . DT C 3 6  ? 1.284   5.526   -10.093 1.00 310.46 ? 6  DT B O4    1 
ATOM 507 C C5    . DT C 3 6  ? 2.201   3.366   -10.381 1.00 310.46 ? 6  DT B C5    1 
ATOM 508 C C7    . DT C 3 6  ? 1.417   3.083   -11.647 1.00 310.46 ? 6  DT B C7    1 
ATOM 509 C C6    . DT C 3 6  ? 3.065   2.459   -9.850  1.00 310.46 ? 6  DT B C6    1 
ATOM 510 P P     . DG C 3 7  ? 5.226   -2.158  -6.786  1.00 293.90 ? 7  DG B P     1 
ATOM 511 O OP1   . DG C 3 7  ? 6.082   -3.184  -6.137  1.00 293.90 ? 7  DG B OP1   1 
ATOM 512 O OP2   . DG C 3 7  ? 4.059   -2.642  -7.560  1.00 293.90 ? 7  DG B OP2   1 
ATOM 513 O "O5'" . DG C 3 7  ? 4.703   -1.116  -5.698  1.00 293.90 ? 7  DG B "O5'" 1 
ATOM 514 C "C5'" . DG C 3 7  ? 3.536   -1.372  -4.993  1.00 293.90 ? 7  DG B "C5'" 1 
ATOM 515 C "C4'" . DG C 3 7  ? 3.604   -0.709  -3.642  1.00 293.90 ? 7  DG B "C4'" 1 
ATOM 516 O "O4'" . DG C 3 7  ? 3.609   0.720   -3.818  1.00 293.90 ? 7  DG B "O4'" 1 
ATOM 517 C "C3'" . DG C 3 7  ? 2.437   -1.027  -2.731  1.00 293.90 ? 7  DG B "C3'" 1 
ATOM 518 O "O3'" . DG C 3 7  ? 2.864   -1.146  -1.376  1.00 293.90 ? 7  DG B "O3'" 1 
ATOM 519 C "C2'" . DG C 3 7  ? 1.482   0.140   -2.924  1.00 293.90 ? 7  DG B "C2'" 1 
ATOM 520 C "C1'" . DG C 3 7  ? 2.347   1.258   -3.496  1.00 293.90 ? 7  DG B "C1'" 1 
ATOM 521 N N9    . DG C 3 7  ? 1.773   1.846   -4.699  1.00 293.90 ? 7  DG B N9    1 
ATOM 522 C C8    . DG C 3 7  ? 2.262   1.734   -5.966  1.00 293.90 ? 7  DG B C8    1 
ATOM 523 N N7    . DG C 3 7  ? 1.535   2.352   -6.857  1.00 293.90 ? 7  DG B N7    1 
ATOM 524 C C5    . DG C 3 7  ? 0.488   2.915   -6.137  1.00 293.90 ? 7  DG B C5    1 
ATOM 525 C C6    . DG C 3 7  ? -0.614  3.703   -6.575  1.00 293.90 ? 7  DG B C6    1 
ATOM 526 O O6    . DG C 3 7  ? -0.885  4.075   -7.728  1.00 293.90 ? 7  DG B O6    1 
ATOM 527 N N1    . DG C 3 7  ? -1.448  4.067   -5.518  1.00 293.90 ? 7  DG B N1    1 
ATOM 528 C C2    . DG C 3 7  ? -1.257  3.699   -4.206  1.00 293.90 ? 7  DG B C2    1 
ATOM 529 N N2    . DG C 3 7  ? -2.159  4.159   -3.319  1.00 293.90 ? 7  DG B N2    1 
ATOM 530 N N3    . DG C 3 7  ? -0.224  2.973   -3.782  1.00 293.90 ? 7  DG B N3    1 
ATOM 531 C C4    . DG C 3 7  ? 0.609   2.614   -4.801  1.00 293.90 ? 7  DG B C4    1 
ATOM 532 P P     . DT C 3 8  ? 2.007   -2.039  -0.342  1.00 272.89 ? 8  DT B P     1 
ATOM 533 O OP1   . DT C 3 8  ? 2.629   -1.900  1.000   1.00 272.89 ? 8  DT B OP1   1 
ATOM 534 O OP2   . DT C 3 8  ? 1.890   -3.401  -0.933  1.00 272.89 ? 8  DT B OP2   1 
ATOM 535 O "O5'" . DT C 3 8  ? 0.546   -1.314  -0.328  1.00 272.89 ? 8  DT B "O5'" 1 
ATOM 536 C "C5'" . DT C 3 8  ? 0.029   -0.672  0.905   1.00 272.89 ? 8  DT B "C5'" 1 
ATOM 537 C "C4'" . DT C 3 8  ? -1.262  0.151   0.697   1.00 272.89 ? 8  DT B "C4'" 1 
ATOM 538 O "O4'" . DT C 3 8  ? -1.347  0.629   -0.655  1.00 272.89 ? 8  DT B "O4'" 1 
ATOM 539 C "C3'" . DT C 3 8  ? -2.567  -0.599  0.956   1.00 272.89 ? 8  DT B "C3'" 1 
ATOM 540 O "O3'" . DT C 3 8  ? -3.271  -0.016  2.002   1.00 272.89 ? 8  DT B "O3'" 1 
ATOM 541 C "C2'" . DT C 3 8  ? -3.337  -0.456  -0.359  1.00 272.89 ? 8  DT B "C2'" 1 
ATOM 542 C "C1'" . DT C 3 8  ? -2.681  0.754   -0.979  1.00 272.89 ? 8  DT B "C1'" 1 
ATOM 543 N N1    . DT C 3 8  ? -2.797  0.827   -2.464  1.00 290.89 ? 8  DT B N1    1 
ATOM 544 C C2    . DT C 3 8  ? -3.866  1.469   -2.999  1.00 290.89 ? 8  DT B C2    1 
ATOM 545 O O2    . DT C 3 8  ? -4.729  1.969   -2.322  1.00 290.89 ? 8  DT B O2    1 
ATOM 546 N N3    . DT C 3 8  ? -3.900  1.506   -4.373  1.00 290.89 ? 8  DT B N3    1 
ATOM 547 C C4    . DT C 3 8  ? -2.979  0.981   -5.249  1.00 290.89 ? 8  DT B C4    1 
ATOM 548 O O4    . DT C 3 8  ? -3.100  1.068   -6.474  1.00 290.89 ? 8  DT B O4    1 
ATOM 549 C C5    . DT C 3 8  ? -1.866  0.321   -4.620  1.00 290.89 ? 8  DT B C5    1 
ATOM 550 C C7    . DT C 3 8  ? -0.796  -0.301  -5.474  1.00 290.89 ? 8  DT B C7    1 
ATOM 551 C C6    . DT C 3 8  ? -1.826  0.280   -3.264  1.00 290.89 ? 8  DT B C6    1 
ATOM 552 P P     . DG C 3 9  ? -2.608  0.201   3.442   1.00 302.30 ? 9  DG B P     1 
ATOM 553 O OP1   . DG C 3 9  ? -2.686  1.649   3.685   1.00 302.30 ? 9  DG B OP1   1 
ATOM 554 O OP2   . DG C 3 9  ? -1.355  -0.536  3.626   1.00 302.30 ? 9  DG B OP2   1 
ATOM 555 O "O5'" . DG C 3 9  ? -3.617  -0.471  4.440   1.00 302.30 ? 9  DG B "O5'" 1 
ATOM 556 C "C5'" . DG C 3 9  ? -4.491  -1.381  3.957   1.00 302.30 ? 9  DG B "C5'" 1 
ATOM 557 C "C4'" . DG C 3 9  ? -3.913  -2.769  4.058   1.00 302.30 ? 9  DG B "C4'" 1 
ATOM 558 O "O4'" . DG C 3 9  ? -2.541  -2.794  3.645   1.00 302.30 ? 9  DG B "O4'" 1 
ATOM 559 C "C3'" . DG C 3 9  ? -3.805  -3.333  5.441   1.00 302.30 ? 9  DG B "C3'" 1 
ATOM 560 O "O3'" . DG C 3 9  ? -5.051  -3.627  5.941   1.00 302.30 ? 9  DG B "O3'" 1 
ATOM 561 C "C2'" . DG C 3 9  ? -2.971  -4.575  5.177   1.00 302.30 ? 9  DG B "C2'" 1 
ATOM 562 C "C1'" . DG C 3 9  ? -2.028  -4.054  4.066   1.00 302.30 ? 9  DG B "C1'" 1 
ATOM 563 N N9    . DG C 3 9  ? -0.563  -3.996  4.387   1.00 302.30 ? 9  DG B N9    1 
ATOM 564 C C8    . DG C 3 9  ? 0.401   -3.183  3.806   1.00 302.30 ? 9  DG B C8    1 
ATOM 565 N N7    . DG C 3 9  ? 1.613   -3.397  4.250   1.00 302.30 ? 9  DG B N7    1 
ATOM 566 C C5    . DG C 3 9  ? 1.458   -4.426  5.164   1.00 302.30 ? 9  DG B C5    1 
ATOM 567 C C6    . DG C 3 9  ? 2.421   -5.077  5.965   1.00 302.30 ? 9  DG B C6    1 
ATOM 568 O O6    . DG C 3 9  ? 3.642   -4.858  6.019   1.00 302.30 ? 9  DG B O6    1 
ATOM 569 N N1    . DG C 3 9  ? 1.840   -6.072  6.765   1.00 302.30 ? 9  DG B N1    1 
ATOM 570 C C2    . DG C 3 9  ? 0.497   -6.390  6.780   1.00 302.30 ? 9  DG B C2    1 
ATOM 571 N N2    . DG C 3 9  ? 0.105   -7.379  7.606   1.00 302.30 ? 9  DG B N2    1 
ATOM 572 N N3    . DG C 3 9  ? -0.403  -5.780  6.042   1.00 302.30 ? 9  DG B N3    1 
ATOM 573 C C4    . DG C 3 9  ? 0.139   -4.818  5.256   1.00 302.30 ? 9  DG B C4    1 
ATOM 574 P P     . DC C 3 10 ? -5.663  -2.608  7.008   1.00 301.30 ? 10 DC B P     1 
ATOM 575 O OP1   . DC C 3 10 ? -7.089  -2.350  6.677   1.00 301.30 ? 10 DC B OP1   1 
ATOM 576 O OP2   . DC C 3 10 ? -4.684  -1.490  7.029   1.00 301.30 ? 10 DC B OP2   1 
ATOM 577 O "O5'" . DC C 3 10 ? -5.543  -3.399  8.397   1.00 301.30 ? 10 DC B "O5'" 1 
ATOM 578 C "C5'" . DC C 3 10 ? -4.907  -4.689  8.444   1.00 301.30 ? 10 DC B "C5'" 1 
ATOM 579 C "C4'" . DC C 3 10 ? -3.581  -4.619  9.192   1.00 301.30 ? 10 DC B "C4'" 1 
ATOM 580 O "O4'" . DC C 3 10 ? -2.542  -4.187  8.289   1.00 301.30 ? 10 DC B "O4'" 1 
ATOM 581 C "C3'" . DC C 3 10 ? -3.568  -3.647  10.369  1.00 301.30 ? 10 DC B "C3'" 1 
ATOM 582 O "O3'" . DC C 3 10 ? -3.450  -4.367  11.612  1.00 301.30 ? 10 DC B "O3'" 1 
ATOM 583 C "C2'" . DC C 3 10 ? -2.368  -2.716  10.107  1.00 301.30 ? 10 DC B "C2'" 1 
ATOM 584 C "C1'" . DC C 3 10 ? -1.614  -3.391  8.968   1.00 301.30 ? 10 DC B "C1'" 1 
ATOM 585 N N1    . DC C 3 10 ? -1.023  -2.434  7.981   1.00 319.30 ? 10 DC B N1    1 
ATOM 586 C C2    . DC C 3 10 ? 0.280   -2.625  7.551   1.00 319.30 ? 10 DC B C2    1 
ATOM 587 O O2    . DC C 3 10 ? 0.916   -3.577  8.001   1.00 319.30 ? 10 DC B O2    1 
ATOM 588 N N3    . DC C 3 10 ? 0.815   -1.765  6.651   1.00 319.30 ? 10 DC B N3    1 
ATOM 589 C C4    . DC C 3 10 ? 0.094   -0.756  6.190   1.00 319.30 ? 10 DC B C4    1 
ATOM 590 N N4    . DC C 3 10 ? 0.667   0.065   5.305   1.00 319.30 ? 10 DC B N4    1 
ATOM 591 C C5    . DC C 3 10 ? -1.248  -0.541  6.615   1.00 319.30 ? 10 DC B C5    1 
ATOM 592 C C6    . DC C 3 10 ? -1.761  -1.397  7.503   1.00 319.30 ? 10 DC B C6    1 
ATOM 593 P P     . DT C 3 11 ? -4.703  -4.445  12.627  1.00 321.35 ? 11 DT B P     1 
ATOM 594 O OP1   . DT C 3 11 ? -5.327  -5.782  12.514  1.00 321.35 ? 11 DT B OP1   1 
ATOM 595 O OP2   . DT C 3 11 ? -5.521  -3.229  12.429  1.00 321.35 ? 11 DT B OP2   1 
ATOM 596 O "O5'" . DT C 3 11 ? -4.051  -4.315  14.082  1.00 321.35 ? 11 DT B "O5'" 1 
ATOM 597 C "C5'" . DT C 3 11 ? -3.610  -5.477  14.771  1.00 321.35 ? 11 DT B "C5'" 1 
ATOM 598 C "C4'" . DT C 3 11 ? -2.091  -5.554  14.796  1.00 321.35 ? 11 DT B "C4'" 1 
ATOM 599 O "O4'" . DT C 3 11 ? -1.559  -4.989  13.581  1.00 321.35 ? 11 DT B "O4'" 1 
ATOM 600 C "C3'" . DT C 3 11 ? -1.419  -4.765  15.911  1.00 321.35 ? 11 DT B "C3'" 1 
ATOM 601 O "O3'" . DT C 3 11 ? -1.259  -5.589  17.096  1.00 321.35 ? 11 DT B "O3'" 1 
ATOM 602 C "C2'" . DT C 3 11 ? -0.054  -4.381  15.305  1.00 321.35 ? 11 DT B "C2'" 1 
ATOM 603 C "C1'" . DT C 3 11 ? -0.210  -4.663  13.804  1.00 321.35 ? 11 DT B "C1'" 1 
ATOM 604 N N1    . DT C 3 11 ? 0.173   -3.506  12.931  1.00 339.35 ? 11 DT B N1    1 
ATOM 605 C C2    . DT C 3 11 ? 0.661   -3.755  11.676  1.00 339.35 ? 11 DT B C2    1 
ATOM 606 O O2    . DT C 3 11 ? 0.780   -4.873  11.226  1.00 339.35 ? 11 DT B O2    1 
ATOM 607 N N3    . DT C 3 11 ? 0.999   -2.635  10.956  1.00 339.35 ? 11 DT B N3    1 
ATOM 608 C C4    . DT C 3 11 ? 0.906   -1.311  11.362  1.00 339.35 ? 11 DT B C4    1 
ATOM 609 O O4    . DT C 3 11 ? 1.237   -0.370  10.633  1.00 339.35 ? 11 DT B O4    1 
ATOM 610 C C5    . DT C 3 11 ? 0.386   -1.116  12.705  1.00 339.35 ? 11 DT B C5    1 
ATOM 611 C C7    . DT C 3 11 ? 0.217   0.275   13.271  1.00 339.35 ? 11 DT B C7    1 
ATOM 612 C C6    . DT C 3 11 ? 0.054   -2.215  13.415  1.00 339.35 ? 11 DT B C6    1 
ATOM 613 P P     . DG C 3 12 ? -2.206  -5.383  18.388  1.00 340.29 ? 12 DG B P     1 
ATOM 614 O OP1   . DG C 3 12 ? -3.334  -6.342  18.238  1.00 340.29 ? 12 DG B OP1   1 
ATOM 615 O OP2   . DG C 3 12 ? -2.455  -3.928  18.544  1.00 340.29 ? 12 DG B OP2   1 
ATOM 616 O "O5'" . DG C 3 12 ? -1.301  -5.845  19.643  1.00 340.29 ? 12 DG B "O5'" 1 
ATOM 617 C "C5'" . DG C 3 12 ? -0.600  -4.871  20.437  1.00 340.29 ? 12 DG B "C5'" 1 
ATOM 618 C "C4'" . DG C 3 12 ? 0.804   -4.662  19.904  1.00 340.29 ? 12 DG B "C4'" 1 
ATOM 619 O "O4'" . DG C 3 12 ? 0.737   -4.063  18.598  1.00 340.29 ? 12 DG B "O4'" 1 
ATOM 620 C "C3'" . DG C 3 12 ? 1.685   -3.693  20.688  1.00 340.29 ? 12 DG B "C3'" 1 
ATOM 621 O "O3'" . DG C 3 12 ? 2.382   -4.365  21.754  1.00 340.29 ? 12 DG B "O3'" 1 
ATOM 622 C "C2'" . DG C 3 12 ? 2.668   -3.180  19.616  1.00 340.29 ? 12 DG B "C2'" 1 
ATOM 623 C "C1'" . DG C 3 12 ? 2.039   -3.640  18.294  1.00 340.29 ? 12 DG B "C1'" 1 
ATOM 624 N N9    . DG C 3 12 ? 2.025   -2.598  17.261  1.00 358.29 ? 12 DG B N9    1 
ATOM 625 C C8    . DG C 3 12 ? 1.183   -1.509  17.164  1.00 358.29 ? 12 DG B C8    1 
ATOM 626 N N7    . DG C 3 12 ? 1.447   -0.742  16.133  1.00 358.29 ? 12 DG B N7    1 
ATOM 627 C C5    . DG C 3 12 ? 2.544   -1.359  15.516  1.00 358.29 ? 12 DG B C5    1 
ATOM 628 C C6    . DG C 3 12 ? 3.284   -0.998  14.349  1.00 358.29 ? 12 DG B C6    1 
ATOM 629 O O6    . DG C 3 12 ? 3.122   -0.023  13.600  1.00 358.29 ? 12 DG B O6    1 
ATOM 630 N N1    . DG C 3 12 ? 4.314   -1.907  14.085  1.00 358.29 ? 12 DG B N1    1 
ATOM 631 C C2    . DG C 3 12 ? 4.601   -3.021  14.842  1.00 358.29 ? 12 DG B C2    1 
ATOM 632 N N2    . DG C 3 12 ? 5.635   -3.777  14.426  1.00 358.29 ? 12 DG B N2    1 
ATOM 633 N N3    . DG C 3 12 ? 3.923   -3.368  15.929  1.00 358.29 ? 12 DG B N3    1 
ATOM 634 C C4    . DG C 3 12 ? 2.909   -2.495  16.206  1.00 358.29 ? 12 DG B C4    1 
ATOM 635 P P     . DC C 3 13 ? 3.037   -3.520  22.965  1.00 347.73 ? 13 DC B P     1 
ATOM 636 O OP1   . DC C 3 13 ? 3.699   -4.495  23.860  1.00 347.73 ? 13 DC B OP1   1 
ATOM 637 O OP2   . DC C 3 13 ? 2.012   -2.586  23.497  1.00 347.73 ? 13 DC B OP2   1 
ATOM 638 O "O5'" . DC C 3 13 ? 4.173   -2.619  22.271  1.00 347.73 ? 13 DC B "O5'" 1 
ATOM 639 C "C5'" . DC C 3 13 ? 5.428   -3.191  21.886  1.00 347.73 ? 13 DC B "C5'" 1 
ATOM 640 C "C4'" . DC C 3 13 ? 6.303   -2.149  21.203  1.00 347.73 ? 13 DC B "C4'" 1 
ATOM 641 O "O4'" . DC C 3 13 ? 5.731   -1.807  19.921  1.00 347.73 ? 13 DC B "O4'" 1 
ATOM 642 C "C3'" . DC C 3 13 ? 6.419   -0.836  21.954  1.00 347.73 ? 13 DC B "C3'" 1 
ATOM 643 O "O3'" . DC C 3 13 ? 7.525   -0.891  22.846  1.00 347.73 ? 13 DC B "O3'" 1 
ATOM 644 C "C2'" . DC C 3 13 ? 6.645   0.194   20.845  1.00 347.73 ? 13 DC B "C2'" 1 
ATOM 645 C "C1'" . DC C 3 13 ? 5.964   -0.439  19.626  1.00 347.73 ? 13 DC B "C1'" 1 
ATOM 646 N N1    . DC C 3 13 ? 4.654   0.197   19.241  1.00 365.73 ? 13 DC B N1    1 
ATOM 647 C C2    . DC C 3 13 ? 4.516   0.793   17.978  1.00 365.73 ? 13 DC B C2    1 
ATOM 648 O O2    . DC C 3 13 ? 5.484   0.806   17.201  1.00 365.73 ? 13 DC B O2    1 
ATOM 649 N N3    . DC C 3 13 ? 3.320   1.338   17.639  1.00 365.73 ? 13 DC B N3    1 
ATOM 650 C C4    . DC C 3 13 ? 2.300   1.312   18.503  1.00 365.73 ? 13 DC B C4    1 
ATOM 651 N N4    . DC C 3 13 ? 1.144   1.873   18.125  1.00 365.73 ? 13 DC B N4    1 
ATOM 652 C C5    . DC C 3 13 ? 2.419   0.709   19.792  1.00 365.73 ? 13 DC B C5    1 
ATOM 653 C C6    . DC C 3 13 ? 3.600   0.168   20.114  1.00 365.73 ? 13 DC B C6    1 
ATOM 654 P P     . DA D 4 1  ? -10.482 -10.206 -8.344  1.00 297.68 ? 22 DA C P     1 
ATOM 655 O OP1   . DA D 4 1  ? -10.456 -11.295 -7.335  1.00 297.68 ? 22 DA C OP1   1 
ATOM 656 O OP2   . DA D 4 1  ? -9.241  -9.447  -8.638  1.00 297.68 ? 22 DA C OP2   1 
ATOM 657 O "O5'" . DA D 4 1  ? -11.034 -10.809 -9.710  1.00 297.68 ? 22 DA C "O5'" 1 
ATOM 658 C "C5'" . DA D 4 1  ? -10.768 -10.159 -10.968 1.00 297.68 ? 22 DA C "C5'" 1 
ATOM 659 C "C4'" . DA D 4 1  ? -12.065 -9.837  -11.673 1.00 297.68 ? 22 DA C "C4'" 1 
ATOM 660 O "O4'" . DA D 4 1  ? -13.130 -9.737  -10.699 1.00 297.68 ? 22 DA C "O4'" 1 
ATOM 661 C "C3'" . DA D 4 1  ? -12.067 -8.509  -12.431 1.00 297.68 ? 22 DA C "C3'" 1 
ATOM 662 O "O3'" . DA D 4 1  ? -11.766 -8.726  -13.812 1.00 297.68 ? 22 DA C "O3'" 1 
ATOM 663 C "C2'" . DA D 4 1  ? -13.494 -8.021  -12.266 1.00 297.68 ? 22 DA C "C2'" 1 
ATOM 664 C "C1'" . DA D 4 1  ? -13.852 -8.525  -10.878 1.00 297.68 ? 22 DA C "C1'" 1 
ATOM 665 N N9    . DA D 4 1  ? -13.475 -7.617  -9.795  1.00 315.68 ? 22 DA C N9    1 
ATOM 666 C C8    . DA D 4 1  ? -12.477 -7.783  -8.867  1.00 315.68 ? 22 DA C C8    1 
ATOM 667 N N7    . DA D 4 1  ? -12.379 -6.791  -8.013  1.00 315.68 ? 22 DA C N7    1 
ATOM 668 C C5    . DA D 4 1  ? -13.380 -5.913  -8.408  1.00 315.68 ? 22 DA C C5    1 
ATOM 669 C C6    . DA D 4 1  ? -13.796 -4.667  -7.907  1.00 315.68 ? 22 DA C C6    1 
ATOM 670 N N6    . DA D 4 1  ? -13.232 -4.064  -6.857  1.00 315.68 ? 22 DA C N6    1 
ATOM 671 N N1    . DA D 4 1  ? -14.824 -4.051  -8.530  1.00 315.68 ? 22 DA C N1    1 
ATOM 672 C C2    . DA D 4 1  ? -15.390 -4.656  -9.584  1.00 315.68 ? 22 DA C C2    1 
ATOM 673 N N3    . DA D 4 1  ? -15.088 -5.824  -10.146 1.00 315.68 ? 22 DA C N3    1 
ATOM 674 C C4    . DA D 4 1  ? -14.062 -6.409  -9.504  1.00 315.68 ? 22 DA C C4    1 
ATOM 675 P P     . DC D 4 2  ? -10.242 -8.797  -14.296 1.00 293.19 ? 23 DC C P     1 
ATOM 676 O OP1   . DC D 4 2  ? -10.194 -9.594  -15.549 1.00 293.19 ? 23 DC C OP1   1 
ATOM 677 O OP2   . DC D 4 2  ? -9.408  -9.201  -13.137 1.00 293.19 ? 23 DC C OP2   1 
ATOM 678 O "O5'" . DC D 4 2  ? -9.909  -7.281  -14.656 1.00 293.19 ? 23 DC C "O5'" 1 
ATOM 679 C "C5'" . DC D 4 2  ? -10.419 -6.676  -15.859 1.00 293.19 ? 23 DC C "C5'" 1 
ATOM 680 C "C4'" . DC D 4 2  ? -11.049 -5.340  -15.545 1.00 293.19 ? 23 DC C "C4'" 1 
ATOM 681 O "O4'" . DC D 4 2  ? -11.458 -5.316  -14.157 1.00 293.19 ? 23 DC C "O4'" 1 
ATOM 682 C "C3'" . DC D 4 2  ? -10.122 -4.138  -15.727 1.00 293.19 ? 23 DC C "C3'" 1 
ATOM 683 O "O3'" . DC D 4 2  ? -10.863 -3.004  -16.188 1.00 293.19 ? 23 DC C "O3'" 1 
ATOM 684 C "C2'" . DC D 4 2  ? -9.590  -3.896  -14.327 1.00 293.19 ? 23 DC C "C2'" 1 
ATOM 685 C "C1'" . DC D 4 2  ? -10.777 -4.281  -13.459 1.00 293.19 ? 23 DC C "C1'" 1 
ATOM 686 N N1    . DC D 4 2  ? -10.411 -4.799  -12.133 1.00 311.19 ? 23 DC C N1    1 
ATOM 687 C C2    . DC D 4 2  ? -11.262 -4.553  -11.054 1.00 311.19 ? 23 DC C C2    1 
ATOM 688 O O2    . DC D 4 2  ? -12.301 -3.904  -11.248 1.00 311.19 ? 23 DC C O2    1 
ATOM 689 N N3    . DC D 4 2  ? -10.934 -5.026  -9.830  1.00 311.19 ? 23 DC C N3    1 
ATOM 690 C C4    . DC D 4 2  ? -9.805  -5.721  -9.665  1.00 311.19 ? 23 DC C C4    1 
ATOM 691 N N4    . DC D 4 2  ? -9.520  -6.168  -8.440  1.00 311.19 ? 23 DC C N4    1 
ATOM 692 C C5    . DC D 4 2  ? -8.919  -5.987  -10.749 1.00 311.19 ? 23 DC C C5    1 
ATOM 693 C C6    . DC D 4 2  ? -9.257  -5.512  -11.954 1.00 311.19 ? 23 DC C C6    1 
ATOM 694 P P     . DG D 4 3  ? -10.189 -1.553  -16.185 1.00 281.91 ? 24 DG C P     1 
ATOM 695 O OP1   . DG D 4 3  ? -10.904 -0.719  -17.193 1.00 281.91 ? 24 DG C OP1   1 
ATOM 696 O OP2   . DG D 4 3  ? -8.710  -1.737  -16.287 1.00 281.91 ? 24 DG C OP2   1 
ATOM 697 O "O5'" . DG D 4 3  ? -10.570 -0.989  -14.738 1.00 281.91 ? 24 DG C "O5'" 1 
ATOM 698 C "C5'" . DG D 4 3  ? -11.645 -0.085  -14.582 1.00 281.91 ? 24 DG C "C5'" 1 
ATOM 699 C "C4'" . DG D 4 3  ? -11.148 1.137   -13.857 1.00 281.91 ? 24 DG C "C4'" 1 
ATOM 700 O "O4'" . DG D 4 3  ? -10.573 0.717   -12.589 1.00 281.91 ? 24 DG C "O4'" 1 
ATOM 701 C "C3'" . DG D 4 3  ? -10.033 1.897   -14.594 1.00 281.91 ? 24 DG C "C3'" 1 
ATOM 702 O "O3'" . DG D 4 3  ? -10.248 3.316   -14.484 1.00 281.91 ? 24 DG C "O3'" 1 
ATOM 703 C "C2'" . DG D 4 3  ? -8.760  1.444   -13.866 1.00 281.91 ? 24 DG C "C2'" 1 
ATOM 704 C "C1'" . DG D 4 3  ? -9.289  1.274   -12.452 1.00 281.91 ? 24 DG C "C1'" 1 
ATOM 705 N N9    . DG D 4 3  ? -8.494  0.394   -11.616 1.00 299.91 ? 24 DG C N9    1 
ATOM 706 C C8    . DG D 4 3  ? -7.188  0.020   -11.813 1.00 299.91 ? 24 DG C C8    1 
ATOM 707 N N7    . DG D 4 3  ? -6.732  -0.775  -10.885 1.00 299.91 ? 24 DG C N7    1 
ATOM 708 C C5    . DG D 4 3  ? -7.809  -0.937  -10.012 1.00 299.91 ? 24 DG C C5    1 
ATOM 709 C C6    . DG D 4 3  ? -7.917  -1.693  -8.813  1.00 299.91 ? 24 DG C C6    1 
ATOM 710 O O6    . DG D 4 3  ? -7.053  -2.400  -8.257  1.00 299.91 ? 24 DG C O6    1 
ATOM 711 N N1    . DG D 4 3  ? -9.186  -1.576  -8.246  1.00 299.91 ? 24 DG C N1    1 
ATOM 712 C C2    . DG D 4 3  ? -10.210 -0.832  -8.765  1.00 299.91 ? 24 DG C C2    1 
ATOM 713 N N2    . DG D 4 3  ? -11.346 -0.849  -8.074  1.00 299.91 ? 24 DG C N2    1 
ATOM 714 N N3    . DG D 4 3  ? -10.125 -0.122  -9.881  1.00 299.91 ? 24 DG C N3    1 
ATOM 715 C C4    . DG D 4 3  ? -8.898  -0.222  -10.451 1.00 299.91 ? 24 DG C C4    1 
ATOM 716 P P     . DG D 4 4  ? -9.766  4.318   -15.649 1.00 283.16 ? 25 DG C P     1 
ATOM 717 O OP1   . DG D 4 4  ? -10.967 4.826   -16.349 1.00 283.16 ? 25 DG C OP1   1 
ATOM 718 O OP2   . DG D 4 4  ? -8.760  3.605   -16.467 1.00 283.16 ? 25 DG C OP2   1 
ATOM 719 O "O5'" . DG D 4 4  ? -9.030  5.503   -14.839 1.00 283.16 ? 25 DG C "O5'" 1 
ATOM 720 C "C5'" . DG D 4 4  ? -9.736  6.704   -14.481 1.00 283.16 ? 25 DG C "C5'" 1 
ATOM 721 C "C4'" . DG D 4 4  ? -10.276 6.638   -13.058 1.00 283.16 ? 25 DG C "C4'" 1 
ATOM 722 O "O4'" . DG D 4 4  ? -10.125 5.304   -12.536 1.00 283.16 ? 25 DG C "O4'" 1 
ATOM 723 C "C3'" . DG D 4 4  ? -9.570  7.520   -12.033 1.00 283.16 ? 25 DG C "C3'" 1 
ATOM 724 O "O3'" . DG D 4 4  ? -10.096 8.908   -12.083 1.00 283.16 ? 25 DG C "O3'" 1 
ATOM 725 C "C2'" . DG D 4 4  ? -9.943  6.822   -10.720 1.00 283.16 ? 25 DG C "C2'" 1 
ATOM 726 C "C1'" . DG D 4 4  ? -10.110 5.354   -11.124 1.00 283.16 ? 25 DG C "C1'" 1 
ATOM 727 N N9    . DG D 4 4  ? -9.026  4.517   -10.655 1.00 301.16 ? 25 DG C N9    1 
ATOM 728 C C8    . DG D 4 4  ? -7.848  4.277   -11.313 1.00 301.16 ? 25 DG C C8    1 
ATOM 729 N N7    . DG D 4 4  ? -7.040  3.485   -10.667 1.00 301.16 ? 25 DG C N7    1 
ATOM 730 C C5    . DG D 4 4  ? -7.724  3.179   -9.494  1.00 301.16 ? 25 DG C C5    1 
ATOM 731 C C6    . DG D 4 4  ? -7.336  2.359   -8.409  1.00 301.16 ? 25 DG C C6    1 
ATOM 732 O O6    . DG D 4 4  ? -6.272  1.724   -8.268  1.00 301.16 ? 25 DG C O6    1 
ATOM 733 N N1    . DG D 4 4  ? -8.317  2.319   -7.411  1.00 301.16 ? 25 DG C N1    1 
ATOM 734 C C2    . DG D 4 4  ? -9.526  2.981   -7.461  1.00 301.16 ? 25 DG C C2    1 
ATOM 735 N N2    . DG D 4 4  ? -10.340 2.811   -6.400  1.00 301.16 ? 25 DG C N2    1 
ATOM 736 N N3    . DG D 4 4  ? -9.908  3.758   -8.484  1.00 301.16 ? 25 DG C N3    1 
ATOM 737 C C4    . DG D 4 4  ? -8.954  3.810   -9.462  1.00 301.16 ? 25 DG C C4    1 
ATOM 738 P P     . DA D 4 5  ? -9.357  10.147  -11.330 1.00 281.95 ? 26 DA C P     1 
ATOM 739 O OP1   . DA D 4 5  ? -10.236 11.337  -11.392 1.00 281.95 ? 26 DA C OP1   1 
ATOM 740 O OP2   . DA D 4 5  ? -7.971  10.234  -11.845 1.00 281.95 ? 26 DA C OP2   1 
ATOM 741 O "O5'" . DA D 4 5  ? -9.255  9.704   -9.800  1.00 281.95 ? 26 DA C "O5'" 1 
ATOM 742 C "C5'" . DA D 4 5  ? -10.331 9.889   -8.891  1.00 281.95 ? 26 DA C "C5'" 1 
ATOM 743 C "C4'" . DA D 4 5  ? -9.803  9.614   -7.518  1.00 281.95 ? 26 DA C "C4'" 1 
ATOM 744 O "O4'" . DA D 4 5  ? -9.241  8.271   -7.528  1.00 281.95 ? 26 DA C "O4'" 1 
ATOM 745 C "C3'" . DA D 4 5  ? -8.666  10.567  -7.145  1.00 281.95 ? 26 DA C "C3'" 1 
ATOM 746 O "O3'" . DA D 4 5  ? -8.870  11.190  -5.856  1.00 281.95 ? 26 DA C "O3'" 1 
ATOM 747 C "C2'" . DA D 4 5  ? -7.387  9.723   -7.192  1.00 281.95 ? 26 DA C "C2'" 1 
ATOM 748 C "C1'" . DA D 4 5  ? -7.869  8.279   -7.136  1.00 281.95 ? 26 DA C "C1'" 1 
ATOM 749 N N9    . DA D 4 5  ? -7.049  7.362   -7.986  1.00 299.95 ? 26 DA C N9    1 
ATOM 750 C C8    . DA D 4 5  ? -6.703  7.530   -9.309  1.00 299.95 ? 26 DA C C8    1 
ATOM 751 N N7    . DA D 4 5  ? -5.941  6.567   -9.798  1.00 299.95 ? 26 DA C N7    1 
ATOM 752 C C5    . DA D 4 5  ? -5.750  5.716   -8.719  1.00 299.95 ? 26 DA C C5    1 
ATOM 753 C C6    . DA D 4 5  ? -5.027  4.504   -8.572  1.00 299.95 ? 26 DA C C6    1 
ATOM 754 N N6    . DA D 4 5  ? -4.343  3.913   -9.571  1.00 299.95 ? 26 DA C N6    1 
ATOM 755 N N1    . DA D 4 5  ? -5.046  3.915   -7.353  1.00 299.95 ? 26 DA C N1    1 
ATOM 756 C C2    . DA D 4 5  ? -5.743  4.493   -6.361  1.00 299.95 ? 26 DA C C2    1 
ATOM 757 N N3    . DA D 4 5  ? -6.449  5.623   -6.375  1.00 299.95 ? 26 DA C N3    1 
ATOM 758 C C4    . DA D 4 5  ? -6.419  6.193   -7.593  1.00 299.95 ? 26 DA C C4    1 
ATOM 759 P P     . DC D 4 6  ? -8.016  12.504  -5.442  1.00 294.49 ? 27 DC C P     1 
ATOM 760 O OP1   . DC D 4 6  ? -8.946  13.494  -4.850  1.00 294.49 ? 27 DC C OP1   1 
ATOM 761 O OP2   . DC D 4 6  ? -7.160  12.899  -6.589  1.00 294.49 ? 27 DC C OP2   1 
ATOM 762 O "O5'" . DC D 4 6  ? -7.041  11.988  -4.288  1.00 294.49 ? 27 DC C "O5'" 1 
ATOM 763 C "C5'" . DC D 4 6  ? -7.560  11.316  -3.146  1.00 294.49 ? 27 DC C "C5'" 1 
ATOM 764 C "C4'" . DC D 4 6  ? -6.478  10.452  -2.554  1.00 294.49 ? 27 DC C "C4'" 1 
ATOM 765 O "O4'" . DC D 4 6  ? -6.267  9.327   -3.428  1.00 294.49 ? 27 DC C "O4'" 1 
ATOM 766 C "C3'" . DC D 4 6  ? -5.135  11.160  -2.453  1.00 294.49 ? 27 DC C "C3'" 1 
ATOM 767 O "O3'" . DC D 4 6  ? -4.976  11.687  -1.137  1.00 294.49 ? 27 DC C "O3'" 1 
ATOM 768 C "C2'" . DC D 4 6  ? -4.100  10.074  -2.763  1.00 294.49 ? 27 DC C "C2'" 1 
ATOM 769 C "C1'" . DC D 4 6  ? -4.911  8.946   -3.417  1.00 294.49 ? 27 DC C "C1'" 1 
ATOM 770 N N1    . DC D 4 6  ? -4.484  8.634   -4.813  1.00 294.49 ? 27 DC C N1    1 
ATOM 771 C C2    . DC D 4 6  ? -4.291  7.309   -5.180  1.00 294.49 ? 27 DC C C2    1 
ATOM 772 O O2    . DC D 4 6  ? -4.501  6.423   -4.341  1.00 294.49 ? 27 DC C O2    1 
ATOM 773 N N3    . DC D 4 6  ? -3.886  7.031   -6.442  1.00 294.49 ? 27 DC C N3    1 
ATOM 774 C C4    . DC D 4 6  ? -3.682  8.023   -7.314  1.00 294.49 ? 27 DC C C4    1 
ATOM 775 N N4    . DC D 4 6  ? -3.289  7.702   -8.549  1.00 294.49 ? 27 DC C N4    1 
ATOM 776 C C5    . DC D 4 6  ? -3.862  9.386   -6.954  1.00 294.49 ? 27 DC C C5    1 
ATOM 777 C C6    . DC D 4 6  ? -4.255  9.648   -5.703  1.00 294.49 ? 27 DC C C6    1 
ATOM 778 P P     . DA D 4 7  ? -3.773  12.694  -0.795  1.00 305.11 ? 28 DA C P     1 
ATOM 779 O OP1   . DA D 4 7  ? -4.210  13.630  0.278   1.00 305.11 ? 28 DA C OP1   1 
ATOM 780 O OP2   . DA D 4 7  ? -3.315  13.283  -2.076  1.00 305.11 ? 28 DA C OP2   1 
ATOM 781 O "O5'" . DA D 4 7  ? -2.636  11.707  -0.249  1.00 305.11 ? 28 DA C "O5'" 1 
ATOM 782 C "C5'" . DA D 4 7  ? -2.969  10.660  0.667   1.00 305.11 ? 28 DA C "C5'" 1 
ATOM 783 C "C4'" . DA D 4 7  ? -1.979  9.515   0.550   1.00 305.11 ? 28 DA C "C4'" 1 
ATOM 784 O "O4'" . DA D 4 7  ? -1.928  9.056   -0.825  1.00 305.11 ? 28 DA C "O4'" 1 
ATOM 785 C "C3'" . DA D 4 7  ? -0.528  9.852   0.931   1.00 305.11 ? 28 DA C "C3'" 1 
ATOM 786 O "O3'" . DA D 4 7  ? -0.014  8.834   1.775   1.00 305.11 ? 28 DA C "O3'" 1 
ATOM 787 C "C2'" . DA D 4 7  ? 0.199   9.873   -0.420  1.00 305.11 ? 28 DA C "C2'" 1 
ATOM 788 C "C1'" . DA D 4 7  ? -0.586  8.827   -1.182  1.00 305.11 ? 28 DA C "C1'" 1 
ATOM 789 N N9    . DA D 4 7  ? -0.459  8.907   -2.641  1.00 305.11 ? 28 DA C N9    1 
ATOM 790 C C8    . DA D 4 7  ? -0.733  9.980   -3.442  1.00 305.11 ? 28 DA C C8    1 
ATOM 791 N N7    . DA D 4 7  ? -0.536  9.749   -4.723  1.00 305.11 ? 28 DA C N7    1 
ATOM 792 C C5    . DA D 4 7  ? -0.106  8.425   -4.762  1.00 305.11 ? 28 DA C C5    1 
ATOM 793 C C6    . DA D 4 7  ? 0.274   7.560   -5.825  1.00 305.11 ? 28 DA C C6    1 
ATOM 794 N N6    . DA D 4 7  ? 0.280   7.907   -7.110  1.00 305.11 ? 28 DA C N6    1 
ATOM 795 N N1    . DA D 4 7  ? 0.643   6.316   -5.506  1.00 305.11 ? 28 DA C N1    1 
ATOM 796 C C2    . DA D 4 7  ? 0.651   5.963   -4.224  1.00 305.11 ? 28 DA C C2    1 
ATOM 797 N N3    . DA D 4 7  ? 0.305   6.662   -3.152  1.00 305.11 ? 28 DA C N3    1 
ATOM 798 C C4    . DA D 4 7  ? -0.058  7.899   -3.488  1.00 305.11 ? 28 DA C C4    1 
ATOM 799 P P     . DT D 4 8  ? 1.318   9.074   2.642   1.00 309.72 ? 29 DT C P     1 
ATOM 800 O OP1   . DT D 4 8  ? 0.868   9.652   3.928   1.00 309.72 ? 29 DT C OP1   1 
ATOM 801 O OP2   . DT D 4 8  ? 2.328   9.777   1.812   1.00 309.72 ? 29 DT C OP2   1 
ATOM 802 O "O5'" . DT D 4 8  ? 1.839   7.590   2.946   1.00 309.72 ? 29 DT C "O5'" 1 
ATOM 803 C "C5'" . DT D 4 8  ? 1.521   6.518   2.048   1.00 309.72 ? 29 DT C "C5'" 1 
ATOM 804 C "C4'" . DT D 4 8  ? 2.686   6.199   1.105   1.00 309.72 ? 29 DT C "C4'" 1 
ATOM 805 O "O4'" . DT D 4 8  ? 2.425   6.719   -0.225  1.00 309.72 ? 29 DT C "O4'" 1 
ATOM 806 C "C3'" . DT D 4 8  ? 4.079   6.752   1.500   1.00 309.72 ? 29 DT C "C3'" 1 
ATOM 807 O "O3'" . DT D 4 8  ? 4.934   5.673   2.043   1.00 309.72 ? 29 DT C "O3'" 1 
ATOM 808 C "C2'" . DT D 4 8  ? 4.638   7.345   0.179   1.00 309.72 ? 29 DT C "C2'" 1 
ATOM 809 C "C1'" . DT D 4 8  ? 3.668   6.800   -0.872  1.00 309.72 ? 29 DT C "C1'" 1 
ATOM 810 N N1    . DT D 4 8  ? 3.563   7.631   -2.141  1.00 309.72 ? 29 DT C N1    1 
ATOM 811 C C2    . DT D 4 8  ? 3.670   6.994   -3.350  1.00 309.72 ? 29 DT C C2    1 
ATOM 812 O O2    . DT D 4 8  ? 3.816   5.799   -3.447  1.00 309.72 ? 29 DT C O2    1 
ATOM 813 N N3    . DT D 4 8  ? 3.581   7.798   -4.446  1.00 309.72 ? 29 DT C N3    1 
ATOM 814 C C4    . DT D 4 8  ? 3.415   9.153   -4.464  1.00 309.72 ? 29 DT C C4    1 
ATOM 815 O O4    . DT D 4 8  ? 3.351   9.780   -5.514  1.00 309.72 ? 29 DT C O4    1 
ATOM 816 C C5    . DT D 4 8  ? 3.325   9.782   -3.159  1.00 309.72 ? 29 DT C C5    1 
ATOM 817 C C7    . DT D 4 8  ? 3.145   11.264  -3.042  1.00 309.72 ? 29 DT C C7    1 
ATOM 818 C C6    . DT D 4 8  ? 3.408   8.997   -2.071  1.00 309.72 ? 29 DT C C6    1 
ATOM 819 P P     . DC D 4 9  ? 6.406   5.964   2.643   1.00 317.49 ? 30 DC C P     1 
ATOM 820 O OP1   . DC D 4 9  ? 6.682   4.951   3.704   1.00 317.49 ? 30 DC C OP1   1 
ATOM 821 O OP2   . DC D 4 9  ? 6.466   7.404   2.976   1.00 317.49 ? 30 DC C OP2   1 
ATOM 822 O "O5'" . DC D 4 9  ? 7.366   5.700   1.387   1.00 317.49 ? 30 DC C "O5'" 1 
ATOM 823 C "C5'" . DC D 4 9  ? 7.407   4.401   0.817   1.00 317.49 ? 30 DC C "C5'" 1 
ATOM 824 C "C4'" . DC D 4 9  ? 7.844   4.415   -0.646  1.00 317.49 ? 30 DC C "C4'" 1 
ATOM 825 O "O4'" . DC D 4 9  ? 7.318   5.576   -1.349  1.00 317.49 ? 30 DC C "O4'" 1 
ATOM 826 C "C3'" . DC D 4 9  ? 9.372   4.440   -0.894  1.00 317.49 ? 30 DC C "C3'" 1 
ATOM 827 O "O3'" . DC D 4 9  ? 9.845   3.172   -1.463  1.00 317.49 ? 30 DC C "O3'" 1 
ATOM 828 C "C2'" . DC D 4 9  ? 9.557   5.598   -1.885  1.00 317.49 ? 30 DC C "C2'" 1 
ATOM 829 C "C1'" . DC D 4 9  ? 8.160   5.745   -2.458  1.00 317.49 ? 30 DC C "C1'" 1 
ATOM 830 N N1    . DC D 4 9  ? 7.942   7.050   -3.103  1.00 317.49 ? 30 DC C N1    1 
ATOM 831 C C2    . DC D 4 9  ? 7.605   7.097   -4.461  1.00 317.49 ? 30 DC C C2    1 
ATOM 832 O O2    . DC D 4 9  ? 7.449   6.044   -5.081  1.00 317.49 ? 30 DC C O2    1 
ATOM 833 N N3    . DC D 4 9  ? 7.440   8.300   -5.055  1.00 317.49 ? 30 DC C N3    1 
ATOM 834 C C4    . DC D 4 9  ? 7.618   9.421   -4.350  1.00 317.49 ? 30 DC C C4    1 
ATOM 835 N N4    . DC D 4 9  ? 7.442   10.590  -4.980  1.00 317.49 ? 30 DC C N4    1 
ATOM 836 C C5    . DC D 4 9  ? 7.986   9.393   -2.969  1.00 317.49 ? 30 DC C C5    1 
ATOM 837 C C6    . DC D 4 9  ? 8.147   8.195   -2.396  1.00 317.49 ? 30 DC C C6    1 
ATOM 838 P P     . DA D 4 10 ? 11.427  2.844   -1.570  1.00 333.63 ? 31 DA C P     1 
ATOM 839 O OP1   . DA D 4 10 ? 11.560  1.370   -1.534  1.00 333.63 ? 31 DA C OP1   1 
ATOM 840 O OP2   . DA D 4 10 ? 12.141  3.685   -0.571  1.00 333.63 ? 31 DA C OP2   1 
ATOM 841 O "O5'" . DA D 4 10 ? 11.863  3.373   -3.025  1.00 333.63 ? 31 DA C "O5'" 1 
ATOM 842 C "C5'" . DA D 4 10 ? 11.105  3.033   -4.188  1.00 333.63 ? 31 DA C "C5'" 1 
ATOM 843 C "C4'" . DA D 4 10 ? 11.584  3.829   -5.396  1.00 333.63 ? 31 DA C "C4'" 1 
ATOM 844 O "O4'" . DA D 4 10 ? 11.167  5.204   -5.287  1.00 333.63 ? 31 DA C "O4'" 1 
ATOM 845 C "C3'" . DA D 4 10 ? 13.090  3.894   -5.549  1.00 333.63 ? 31 DA C "C3'" 1 
ATOM 846 O "O3'" . DA D 4 10 ? 13.527  2.821   -6.354  1.00 333.63 ? 31 DA C "O3'" 1 
ATOM 847 C "C2'" . DA D 4 10 ? 13.345  5.254   -6.230  1.00 333.63 ? 31 DA C "C2'" 1 
ATOM 848 C "C1'" . DA D 4 10 ? 12.009  6.000   -6.099  1.00 333.63 ? 31 DA C "C1'" 1 
ATOM 849 N N9    . DA D 4 10 ? 12.118  7.356   -5.519  1.00 333.63 ? 31 DA C N9    1 
ATOM 850 C C8    . DA D 4 10 ? 12.282  7.691   -4.194  1.00 333.63 ? 31 DA C C8    1 
ATOM 851 N N7    . DA D 4 10 ? 12.335  8.981   -3.977  1.00 333.63 ? 31 DA C N7    1 
ATOM 852 C C5    . DA D 4 10 ? 12.193  9.535   -5.240  1.00 333.63 ? 31 DA C C5    1 
ATOM 853 C C6    . DA D 4 10 ? 12.165  10.859  -5.685  1.00 333.63 ? 31 DA C C6    1 
ATOM 854 N N6    . DA D 4 10 ? 12.282  11.901  -4.861  1.00 333.63 ? 31 DA C N6    1 
ATOM 855 N N1    . DA D 4 10 ? 12.008  11.076  -7.007  1.00 333.63 ? 31 DA C N1    1 
ATOM 856 C C2    . DA D 4 10 ? 11.891  10.031  -7.826  1.00 333.63 ? 31 DA C C2    1 
ATOM 857 N N3    . DA D 4 10 ? 11.898  8.737   -7.526  1.00 333.63 ? 31 DA C N3    1 
ATOM 858 C C4    . DA D 4 10 ? 12.056  8.553   -6.202  1.00 333.63 ? 31 DA C C4    1 
# 
